data_3WFE
#
_entry.id   3WFE
#
_cell.length_a   90.688
_cell.length_b   107.381
_cell.length_c   195.288
_cell.angle_alpha   90.000
_cell.angle_beta   90.000
_cell.angle_gamma   90.000
#
_symmetry.space_group_name_H-M   'P 21 21 21'
#
loop_
_entity.id
_entity.type
_entity.pdbx_description
1 polymer 'antibody fab fragment light chain'
2 polymer 'antibody fab fragment heavy chain'
3 polymer 'Nitric oxide reductase subunit B'
4 polymer 'Nitric oxide reductase subunit C'
5 non-polymer 'PROTOPORPHYRIN IX CONTAINING FE'
6 non-polymer 'FE (III) ION'
7 non-polymer 'CYANIDE ION'
8 non-polymer 'decyl 4-O-alpha-D-glucopyranosyl-1-thio-beta-D-glucopyranoside'
9 non-polymer 'CALCIUM ION'
10 non-polymer 'HEME C'
11 water water
#
loop_
_entity_poly.entity_id
_entity_poly.type
_entity_poly.pdbx_seq_one_letter_code
_entity_poly.pdbx_strand_id
1 'polypeptide(L)'
;DIQMTQSPPYLAASPGETITINCRASKSIRKYLAWYQEKPGKTNKLLIYSGSTLQFGIPSRFSGSGSGTEFTLTISSLEP
EDFAMYYCQQHNEYPLTFGAGTKLELKRADAAPTVSIFPPSSEQLTSGGASVVCFLNNFYPKDINVKWKIDGSERQNGVL
NSWTDQDSKDSTYSMSSTLTLTKDEYERHNSYTCEATHKTSTSPIVKSFNRNE
;
L
2 'polypeptide(L)'
;EVQLQQSGTVLARPGASVKMSCKASGYSFTSYWMHWVKQRPGQGLEWIGAVYPGNSDTSYNQKFKGKAKLTAVTSASTAY
MELSSLTNEDSAVYYCSRSSLDGYYVKNWCFDVWGQGTTVTVSSAKTTAPSVYPLAPVCGDTTGSSVTLGCLVKGYFPEP
VTLTWNSGSLSSGVHTFPAVLQSDLYTLSSSVTVTSSTRPSQSITCNVAHPASSTKVDKKIEPRG
;
H
3 'polypeptide(L)'
;MMSPNGSLKFASQAVAKPYFVFALILFVGQILFGLIMGLQYVVGDFLFPAIPFNVARMVHTNLLIVWLLFGFMGAAYYLV
PEESDCELYSPKLAWILFWVFAAAGVLTILGYLLVPYAGLARLTGNELWPTMGREFLEQPTISKAGIVIVALGFLFNVGM
TVLRGRKTAISMVLMTGLIGLALLFLFSFYNPENLTRDKFYWWWVVHLWVEGVWELIMGAILAFVLVKITGVDREVIEKW
LYVIIAMALISGIIGTGHHYFWIGVPGYWLWLGSVFSALEPLPFFAMVLFAFNTINRRRRDYPNRAVALWAMGTTVMAFL
GAGVWGFMHTLAPVNYYTHGTQLTAAHGHMAFYGAYAMIVMTIISYAMPRLRGIGEAMDNRSQVLEMWGFWLMTVAMVFI
TLFLSAAGVLQVWLQRMPADGAAMTFMATQDQLAIFYWLREGAGVVFLIGLVAYLLSFRRGKAAA
;
B
4 'polypeptide(L)'
;MSETFTKGMARNIYFGGSVFFILLFLALTYHTEKTLPERTNEAAMSAAVVRGKLVWEQNNCVGCHTLLGEGAYFAPELGN
VVGRRGGEEGFNTFLQAWMKIQPLNVPGRRAMPQFHLSEGQVDDLAEFLKWSSKIDTNQWPPNKEG
;
C
#
# COMPACT_ATOMS: atom_id res chain seq x y z
N ASP A 1 5.41 -28.87 -0.69
CA ASP A 1 5.22 -28.05 0.53
C ASP A 1 6.58 -27.91 1.18
N ILE A 2 6.83 -26.77 1.77
CA ILE A 2 8.05 -26.61 2.50
C ILE A 2 7.69 -26.87 3.98
N GLN A 3 8.49 -27.70 4.65
CA GLN A 3 8.30 -28.14 6.03
C GLN A 3 9.15 -27.29 6.91
N MET A 4 8.65 -26.93 8.11
CA MET A 4 9.41 -26.07 9.02
C MET A 4 9.61 -26.73 10.31
N THR A 5 10.84 -26.72 10.80
CA THR A 5 11.06 -27.32 12.07
C THR A 5 11.70 -26.25 12.96
N GLN A 6 11.06 -26.02 14.07
CA GLN A 6 11.56 -25.08 15.05
C GLN A 6 12.30 -25.84 16.13
N SER A 7 13.38 -25.26 16.61
CA SER A 7 14.05 -25.80 17.80
C SER A 7 14.52 -24.63 18.69
N PRO A 8 14.60 -24.88 20.00
CA PRO A 8 14.14 -26.10 20.64
C PRO A 8 12.63 -26.01 20.82
N PRO A 9 11.98 -27.12 21.15
CA PRO A 9 10.53 -27.01 21.39
C PRO A 9 10.19 -26.30 22.73
N TYR A 10 11.10 -26.30 23.69
CA TYR A 10 10.83 -25.69 24.99
C TYR A 10 12.12 -25.04 25.36
N LEU A 11 12.06 -23.90 26.01
CA LEU A 11 13.24 -23.24 26.47
C LEU A 11 12.87 -22.55 27.74
N ALA A 12 13.65 -22.78 28.78
CA ALA A 12 13.46 -22.08 30.02
C ALA A 12 14.49 -20.96 30.07
N ALA A 13 14.06 -19.81 30.59
CA ALA A 13 14.97 -18.73 30.78
C ALA A 13 14.42 -17.75 31.81
N SER A 14 15.19 -16.70 32.08
CA SER A 14 14.88 -15.77 33.15
C SER A 14 14.78 -14.33 32.64
N PRO A 15 14.08 -13.45 33.39
CA PRO A 15 14.05 -12.02 33.03
C PRO A 15 15.44 -11.37 33.01
N GLY A 16 15.72 -10.56 31.98
CA GLY A 16 16.99 -9.89 31.79
C GLY A 16 18.00 -10.61 30.89
N GLU A 17 17.73 -11.86 30.57
CA GLU A 17 18.66 -12.68 29.80
C GLU A 17 18.27 -12.53 28.35
N THR A 18 19.11 -13.08 27.47
CA THR A 18 18.90 -13.11 26.06
C THR A 18 18.74 -14.52 25.60
N ILE A 19 17.79 -14.76 24.71
CA ILE A 19 17.66 -16.05 24.10
C ILE A 19 17.61 -15.89 22.62
N THR A 20 17.98 -16.95 21.92
CA THR A 20 17.74 -17.01 20.52
C THR A 20 17.17 -18.38 20.11
N ILE A 21 16.19 -18.40 19.22
CA ILE A 21 15.52 -19.64 18.85
C ILE A 21 15.60 -19.86 17.38
N ASN A 22 15.39 -21.11 16.95
CA ASN A 22 15.69 -21.49 15.59
C ASN A 22 14.50 -21.88 14.79
N CYS A 23 14.62 -21.63 13.50
CA CYS A 23 13.62 -22.08 12.55
C CYS A 23 14.36 -22.53 11.29
N ARG A 24 14.03 -23.74 10.84
CA ARG A 24 14.63 -24.32 9.63
C ARG A 24 13.56 -24.67 8.63
N ALA A 25 13.83 -24.39 7.37
CA ALA A 25 12.93 -24.72 6.26
C ALA A 25 13.56 -25.89 5.48
N SER A 26 12.73 -26.74 4.93
CA SER A 26 13.20 -27.95 4.24
C SER A 26 13.74 -27.61 2.84
N LYS A 27 13.37 -26.45 2.30
CA LYS A 27 14.04 -25.90 1.12
C LYS A 27 14.08 -24.37 1.22
N SER A 28 14.81 -23.72 0.32
CA SER A 28 15.01 -22.33 0.43
C SER A 28 13.69 -21.58 0.36
N ILE A 29 13.52 -20.65 1.30
CA ILE A 29 12.40 -19.69 1.32
C ILE A 29 12.95 -18.25 1.15
N ARG A 30 14.08 -18.12 0.50
CA ARG A 30 14.76 -16.85 0.31
C ARG A 30 14.82 -16.11 1.64
N LYS A 31 14.22 -14.96 1.78
CA LYS A 31 14.29 -14.29 3.07
C LYS A 31 12.93 -14.22 3.78
N TYR A 32 11.96 -14.97 3.28
CA TYR A 32 10.56 -14.74 3.67
C TYR A 32 10.08 -15.66 4.79
N LEU A 33 10.44 -15.27 6.01
CA LEU A 33 10.01 -15.92 7.21
C LEU A 33 9.44 -14.89 8.19
N ALA A 34 8.24 -15.15 8.71
CA ALA A 34 7.63 -14.33 9.74
C ALA A 34 7.60 -15.06 11.08
N TRP A 35 7.36 -14.30 12.16
CA TRP A 35 7.23 -14.87 13.48
C TRP A 35 6.06 -14.27 14.23
N TYR A 36 5.33 -15.14 14.94
CA TYR A 36 4.18 -14.78 15.70
C TYR A 36 4.38 -15.17 17.14
N GLN A 37 3.83 -14.36 18.04
CA GLN A 37 3.75 -14.64 19.45
C GLN A 37 2.36 -15.08 19.82
N GLU A 38 2.29 -16.17 20.57
CA GLU A 38 1.00 -16.68 21.02
C GLU A 38 0.96 -16.70 22.51
N LYS A 39 -0.11 -16.11 23.03
CA LYS A 39 -0.37 -16.03 24.46
C LYS A 39 -1.86 -16.29 24.73
N PRO A 40 -2.16 -17.06 25.79
CA PRO A 40 -3.55 -17.36 26.19
C PRO A 40 -4.40 -16.09 26.40
N GLY A 41 -5.66 -16.11 25.94
CA GLY A 41 -6.55 -14.96 26.04
C GLY A 41 -6.20 -13.80 25.09
N LYS A 42 -5.34 -14.02 24.10
CA LYS A 42 -4.93 -12.91 23.25
C LYS A 42 -4.89 -13.42 21.83
N THR A 43 -5.15 -12.56 20.85
CA THR A 43 -4.94 -12.98 19.48
C THR A 43 -3.44 -12.98 19.15
N ASN A 44 -3.01 -13.92 18.30
CA ASN A 44 -1.66 -13.97 17.77
C ASN A 44 -1.13 -12.63 17.19
N LYS A 45 0.13 -12.36 17.48
CA LYS A 45 0.74 -11.07 17.27
C LYS A 45 1.94 -11.25 16.36
N LEU A 46 1.92 -10.62 15.20
CA LEU A 46 3.06 -10.58 14.31
C LEU A 46 4.22 -9.83 14.94
N LEU A 47 5.41 -10.44 14.96
CA LEU A 47 6.60 -9.86 15.56
C LEU A 47 7.57 -9.31 14.49
N ILE A 48 7.89 -10.17 13.51
CA ILE A 48 8.96 -9.96 12.52
C ILE A 48 8.41 -10.55 11.25
N TYR A 49 8.74 -9.96 10.09
CA TYR A 49 8.54 -10.61 8.80
C TYR A 49 9.75 -10.39 7.94
N SER A 50 9.80 -11.12 6.85
CA SER A 50 10.89 -11.04 5.90
C SER A 50 12.20 -11.22 6.61
N GLY A 51 12.20 -12.07 7.63
CA GLY A 51 13.44 -12.48 8.28
C GLY A 51 13.90 -11.58 9.40
N SER A 52 13.86 -10.28 9.09
CA SER A 52 14.41 -9.32 10.03
C SER A 52 13.68 -8.01 10.17
N THR A 53 12.56 -7.83 9.47
CA THR A 53 11.86 -6.59 9.55
C THR A 53 10.94 -6.71 10.77
N LEU A 54 11.05 -5.73 11.67
CA LEU A 54 10.17 -5.61 12.82
C LEU A 54 8.87 -5.04 12.40
N GLN A 55 7.80 -5.64 12.92
CA GLN A 55 6.46 -5.19 12.67
C GLN A 55 6.25 -3.89 13.44
N PHE A 56 5.46 -2.98 12.88
CA PHE A 56 5.13 -1.72 13.57
C PHE A 56 4.70 -1.95 15.03
N GLY A 57 5.28 -1.18 15.96
CA GLY A 57 4.91 -1.22 17.37
C GLY A 57 5.63 -2.25 18.18
N ILE A 58 6.36 -3.13 17.52
CA ILE A 58 7.06 -4.18 18.29
C ILE A 58 8.34 -3.68 18.91
N PRO A 59 8.58 -3.86 20.20
CA PRO A 59 9.87 -3.32 20.75
C PRO A 59 11.16 -3.88 20.11
N SER A 60 12.14 -3.00 20.00
CA SER A 60 13.45 -3.34 19.38
C SER A 60 14.24 -4.44 20.12
N ARG A 61 13.78 -4.86 21.29
CA ARG A 61 14.47 -5.99 21.95
C ARG A 61 14.26 -7.30 21.18
N PHE A 62 13.25 -7.35 20.29
CA PHE A 62 13.08 -8.45 19.38
C PHE A 62 13.87 -8.20 18.10
N SER A 63 14.42 -9.25 17.49
CA SER A 63 15.19 -9.18 16.25
C SER A 63 15.24 -10.57 15.65
N GLY A 64 15.51 -10.63 14.35
CA GLY A 64 15.57 -11.90 13.66
C GLY A 64 16.58 -11.81 12.52
N SER A 65 16.92 -12.95 11.95
CA SER A 65 17.95 -13.05 10.96
C SER A 65 17.82 -14.35 10.22
N GLY A 66 18.44 -14.42 9.05
CA GLY A 66 18.47 -15.63 8.28
C GLY A 66 18.12 -15.43 6.84
N SER A 67 18.48 -16.44 6.05
CA SER A 67 17.94 -16.58 4.69
C SER A 67 18.16 -18.00 4.18
N GLY A 68 17.62 -18.28 3.01
CA GLY A 68 17.46 -19.62 2.50
C GLY A 68 16.67 -20.56 3.39
N THR A 69 17.39 -21.16 4.30
CA THR A 69 16.97 -22.40 4.97
C THR A 69 17.06 -22.31 6.48
N GLU A 70 17.79 -21.32 7.00
CA GLU A 70 18.12 -21.25 8.40
C GLU A 70 17.83 -19.84 8.97
N PHE A 71 17.01 -19.76 10.01
CA PHE A 71 16.60 -18.47 10.53
C PHE A 71 16.61 -18.49 12.02
N THR A 72 16.75 -17.32 12.64
CA THR A 72 16.67 -17.23 14.09
C THR A 72 15.82 -16.07 14.55
N LEU A 73 15.33 -16.18 15.78
CA LEU A 73 14.77 -15.09 16.52
C LEU A 73 15.47 -14.91 17.85
N THR A 74 15.77 -13.67 18.16
CA THR A 74 16.43 -13.25 19.35
C THR A 74 15.57 -12.22 20.05
N ILE A 75 15.52 -12.36 21.36
CA ILE A 75 15.04 -11.37 22.29
C ILE A 75 16.22 -10.95 23.17
N SER A 76 16.47 -9.65 23.28
CA SER A 76 17.69 -9.16 23.87
C SER A 76 17.72 -9.23 25.36
N SER A 77 16.62 -8.87 25.99
CA SER A 77 16.63 -8.87 27.46
C SER A 77 15.21 -9.18 27.92
N LEU A 78 14.95 -10.45 28.14
CA LEU A 78 13.58 -10.91 28.33
C LEU A 78 12.79 -10.13 29.38
N GLU A 79 11.57 -9.91 29.00
CA GLU A 79 10.66 -9.24 29.85
C GLU A 79 9.55 -10.26 30.22
N PRO A 80 8.89 -10.06 31.36
CA PRO A 80 7.83 -10.98 31.87
C PRO A 80 6.77 -11.37 30.86
N GLU A 81 6.43 -10.43 30.02
CA GLU A 81 5.39 -10.63 29.04
C GLU A 81 5.91 -11.39 27.84
N ASP A 82 7.22 -11.64 27.74
CA ASP A 82 7.80 -12.30 26.57
C ASP A 82 7.73 -13.85 26.67
N PHE A 83 7.41 -14.35 27.85
CA PHE A 83 7.24 -15.80 28.03
C PHE A 83 5.89 -16.21 27.48
N ALA A 84 5.94 -17.08 26.48
CA ALA A 84 4.87 -17.22 25.54
C ALA A 84 5.26 -18.31 24.53
N MET A 85 4.36 -18.63 23.59
CA MET A 85 4.65 -19.54 22.51
C MET A 85 5.01 -18.76 21.21
N TYR A 86 6.05 -19.19 20.50
CA TYR A 86 6.53 -18.51 19.31
C TYR A 86 6.45 -19.43 18.07
N TYR A 87 5.81 -18.97 16.99
CA TYR A 87 5.71 -19.76 15.77
C TYR A 87 6.34 -19.02 14.61
N CYS A 88 6.99 -19.76 13.71
CA CYS A 88 7.48 -19.15 12.47
C CYS A 88 6.60 -19.61 11.33
N GLN A 89 6.58 -18.79 10.28
CA GLN A 89 5.81 -19.06 9.11
C GLN A 89 6.63 -18.58 7.92
N GLN A 90 6.70 -19.42 6.92
CA GLN A 90 7.32 -19.15 5.65
C GLN A 90 6.31 -18.40 4.78
N HIS A 91 6.75 -17.32 4.10
CA HIS A 91 5.88 -16.59 3.19
C HIS A 91 6.54 -16.33 1.84
N ASN A 92 7.22 -17.35 1.34
CA ASN A 92 7.81 -17.36 0.01
C ASN A 92 6.94 -18.04 -1.02
N GLU A 93 6.09 -18.97 -0.64
CA GLU A 93 5.36 -19.81 -1.60
C GLU A 93 4.07 -20.34 -1.06
N TYR A 94 3.25 -20.70 -2.03
CA TYR A 94 2.08 -21.50 -1.84
C TYR A 94 2.48 -22.98 -1.70
N PRO A 95 1.81 -23.73 -0.80
CA PRO A 95 0.91 -23.26 0.27
C PRO A 95 1.73 -22.74 1.44
N LEU A 96 1.26 -21.70 2.10
CA LEU A 96 1.86 -21.22 3.33
C LEU A 96 1.97 -22.34 4.32
N THR A 97 3.11 -22.42 5.01
CA THR A 97 3.32 -23.36 6.11
C THR A 97 4.00 -22.73 7.35
N PHE A 98 3.86 -23.40 8.48
CA PHE A 98 4.31 -22.89 9.77
C PHE A 98 5.14 -23.91 10.53
N GLY A 99 5.94 -23.45 11.47
CA GLY A 99 6.66 -24.35 12.33
C GLY A 99 5.70 -24.68 13.46
N ALA A 100 6.01 -25.67 14.27
CA ALA A 100 5.14 -26.10 15.36
C ALA A 100 5.41 -25.41 16.66
N GLY A 101 6.42 -24.57 16.75
CA GLY A 101 6.51 -23.78 17.93
C GLY A 101 7.63 -24.05 18.89
N THR A 102 8.08 -22.95 19.49
CA THR A 102 8.95 -22.95 20.61
C THR A 102 8.25 -22.25 21.76
N LYS A 103 8.10 -22.97 22.85
CA LYS A 103 7.46 -22.44 24.02
C LYS A 103 8.55 -21.92 24.95
N LEU A 104 8.52 -20.61 25.21
CA LEU A 104 9.48 -19.98 26.06
C LEU A 104 8.91 -19.85 27.46
N GLU A 105 9.53 -20.53 28.41
CA GLU A 105 9.03 -20.65 29.79
C GLU A 105 9.90 -19.93 30.79
N LEU A 106 9.27 -19.60 31.92
CA LEU A 106 9.86 -18.83 33.00
C LEU A 106 10.55 -19.79 33.94
N LYS A 107 11.84 -19.59 34.14
CA LYS A 107 12.62 -20.45 35.00
C LYS A 107 12.36 -19.94 36.40
N ARG A 108 12.28 -20.88 37.30
CA ARG A 108 12.23 -20.62 38.71
C ARG A 108 12.97 -21.77 39.39
N ALA A 109 13.02 -21.74 40.70
CA ALA A 109 13.74 -22.69 41.48
C ALA A 109 13.03 -24.04 41.48
N ASP A 110 13.80 -25.11 41.53
CA ASP A 110 13.25 -26.44 41.53
C ASP A 110 12.34 -26.62 42.77
N ALA A 111 11.19 -27.28 42.59
CA ALA A 111 10.37 -27.63 43.72
C ALA A 111 9.74 -29.01 43.54
N ALA A 112 9.72 -29.77 44.62
CA ALA A 112 9.19 -31.12 44.60
C ALA A 112 7.64 -31.00 44.61
N PRO A 113 6.93 -31.95 44.02
CA PRO A 113 5.49 -31.91 44.10
C PRO A 113 4.95 -32.22 45.47
N THR A 114 3.83 -31.61 45.81
CA THR A 114 3.03 -32.03 46.95
C THR A 114 2.04 -33.06 46.42
N VAL A 115 2.02 -34.25 47.02
CA VAL A 115 1.26 -35.36 46.50
C VAL A 115 0.19 -35.75 47.49
N SER A 116 -1.03 -35.94 47.03
CA SER A 116 -2.17 -36.41 47.81
C SER A 116 -2.96 -37.51 47.01
N ILE A 117 -3.45 -38.51 47.70
CA ILE A 117 -4.19 -39.64 47.10
C ILE A 117 -5.58 -39.65 47.71
N PHE A 118 -6.59 -39.97 46.90
CA PHE A 118 -7.99 -39.93 47.38
C PHE A 118 -8.69 -41.20 46.99
N PRO A 119 -9.18 -41.95 47.95
CA PRO A 119 -9.98 -43.11 47.63
C PRO A 119 -11.26 -42.80 46.86
N PRO A 120 -11.85 -43.77 46.17
CA PRO A 120 -13.19 -43.51 45.67
C PRO A 120 -14.08 -42.92 46.73
N SER A 121 -14.90 -41.95 46.36
CA SER A 121 -15.99 -41.46 47.24
C SER A 121 -17.07 -42.53 47.36
N SER A 122 -17.77 -42.56 48.48
CA SER A 122 -18.82 -43.56 48.67
C SER A 122 -19.94 -43.36 47.64
N GLU A 123 -20.21 -42.12 47.26
CA GLU A 123 -21.23 -41.85 46.24
C GLU A 123 -20.89 -42.58 44.92
N GLN A 124 -19.62 -42.52 44.52
CA GLN A 124 -19.23 -43.14 43.25
C GLN A 124 -19.31 -44.63 43.37
N LEU A 125 -18.96 -45.14 44.54
CA LEU A 125 -19.03 -46.58 44.80
C LEU A 125 -20.43 -47.15 44.68
N THR A 126 -21.45 -46.43 45.14
CA THR A 126 -22.80 -46.97 45.09
C THR A 126 -23.28 -47.05 43.62
N SER A 127 -22.67 -46.26 42.73
CA SER A 127 -23.00 -46.35 41.31
C SER A 127 -22.16 -47.37 40.55
N GLY A 128 -21.27 -48.11 41.22
CA GLY A 128 -20.54 -49.19 40.54
C GLY A 128 -19.16 -48.84 40.00
N GLY A 129 -18.73 -47.60 40.19
CA GLY A 129 -17.42 -47.17 39.73
C GLY A 129 -16.47 -46.82 40.88
N ALA A 130 -15.18 -46.85 40.56
CA ALA A 130 -14.15 -46.56 41.52
C ALA A 130 -13.00 -45.79 40.85
N SER A 131 -12.95 -44.48 41.08
CA SER A 131 -11.81 -43.69 40.65
C SER A 131 -10.91 -43.36 41.82
N VAL A 132 -9.63 -43.69 41.69
CA VAL A 132 -8.63 -43.29 42.70
C VAL A 132 -7.90 -42.12 42.09
N VAL A 133 -7.86 -41.00 42.82
CA VAL A 133 -7.25 -39.79 42.35
C VAL A 133 -5.97 -39.43 43.07
N CYS A 134 -4.99 -39.02 42.28
CA CYS A 134 -3.75 -38.48 42.80
C CYS A 134 -3.46 -37.09 42.23
N PHE A 135 -3.24 -36.14 43.13
CA PHE A 135 -2.72 -34.81 42.74
C PHE A 135 -1.21 -34.70 43.05
N LEU A 136 -0.48 -34.18 42.08
CA LEU A 136 0.93 -33.83 42.22
C LEU A 136 1.03 -32.35 41.95
N ASN A 137 1.04 -31.53 43.00
CA ASN A 137 0.90 -30.10 42.86
C ASN A 137 2.17 -29.25 43.07
N ASN A 138 2.25 -28.12 42.32
CA ASN A 138 3.24 -27.06 42.54
C ASN A 138 4.69 -27.53 42.46
N PHE A 139 5.03 -28.21 41.35
CA PHE A 139 6.37 -28.66 41.10
C PHE A 139 7.05 -27.97 39.94
N TYR A 140 8.38 -28.02 39.96
CA TYR A 140 9.21 -27.46 38.92
C TYR A 140 10.60 -28.18 38.95
N PRO A 141 11.08 -28.56 37.76
CA PRO A 141 10.58 -28.42 36.39
C PRO A 141 9.43 -29.40 36.02
N LYS A 142 9.05 -29.45 34.77
CA LYS A 142 7.78 -30.06 34.40
C LYS A 142 7.78 -31.58 34.22
N ASP A 143 8.95 -32.17 34.09
CA ASP A 143 9.05 -33.61 33.83
C ASP A 143 8.75 -34.38 35.06
N ILE A 144 7.96 -35.40 34.90
CA ILE A 144 7.51 -36.15 36.03
C ILE A 144 6.85 -37.44 35.58
N ASN A 145 7.03 -38.44 36.43
CA ASN A 145 6.57 -39.77 36.15
C ASN A 145 5.65 -40.12 37.28
N VAL A 146 4.46 -40.62 36.97
CA VAL A 146 3.59 -41.11 38.00
C VAL A 146 3.35 -42.61 37.75
N LYS A 147 3.32 -43.37 38.83
CA LYS A 147 3.20 -44.81 38.76
C LYS A 147 2.18 -45.22 39.78
N TRP A 148 1.22 -46.02 39.32
CA TRP A 148 0.27 -46.65 40.22
C TRP A 148 0.70 -48.08 40.56
N LYS A 149 0.44 -48.45 41.80
CA LYS A 149 0.65 -49.78 42.29
C LYS A 149 -0.57 -50.23 43.07
N ILE A 150 -1.05 -51.42 42.74
CA ILE A 150 -2.12 -52.10 43.47
C ILE A 150 -1.55 -53.33 44.17
N ASP A 151 -1.71 -53.39 45.48
CA ASP A 151 -1.03 -54.43 46.29
C ASP A 151 0.39 -54.69 45.81
N GLY A 152 1.14 -53.63 45.58
CA GLY A 152 2.54 -53.72 45.23
C GLY A 152 2.81 -53.94 43.75
N SER A 153 1.76 -54.17 42.97
CA SER A 153 1.95 -54.39 41.53
C SER A 153 1.62 -53.17 40.67
N GLU A 154 2.60 -52.82 39.84
CA GLU A 154 2.43 -51.77 38.88
C GLU A 154 1.19 -51.99 38.04
N ARG A 155 0.38 -50.94 37.92
CA ARG A 155 -0.84 -50.93 37.14
C ARG A 155 -0.80 -49.79 36.10
N GLN A 156 -1.03 -50.18 34.84
CA GLN A 156 -0.85 -49.30 33.73
C GLN A 156 -2.14 -48.81 33.05
N ASN A 157 -3.16 -49.65 33.02
CA ASN A 157 -4.39 -49.35 32.31
C ASN A 157 -5.45 -48.68 33.15
N GLY A 158 -6.22 -47.82 32.48
CA GLY A 158 -7.30 -47.10 33.12
C GLY A 158 -6.78 -45.91 33.89
N VAL A 159 -5.64 -45.34 33.47
CA VAL A 159 -5.02 -44.18 34.09
C VAL A 159 -5.13 -43.00 33.13
N LEU A 160 -5.79 -41.92 33.56
CA LEU A 160 -5.77 -40.64 32.82
C LEU A 160 -5.10 -39.51 33.59
N ASN A 161 -4.21 -38.82 32.91
CA ASN A 161 -3.50 -37.75 33.47
C ASN A 161 -3.88 -36.46 32.79
N SER A 162 -3.81 -35.36 33.54
CA SER A 162 -3.94 -34.03 33.02
C SER A 162 -2.93 -33.12 33.73
N TRP A 163 -2.49 -32.11 33.03
CA TRP A 163 -1.40 -31.23 33.46
C TRP A 163 -1.83 -29.78 33.25
N THR A 164 -1.67 -28.95 34.27
CA THR A 164 -1.86 -27.54 34.09
C THR A 164 -0.70 -26.97 33.30
N ASP A 165 -0.87 -25.75 32.80
CA ASP A 165 0.17 -25.02 32.11
C ASP A 165 0.94 -24.34 33.25
N GLN A 166 2.06 -23.71 32.91
CA GLN A 166 2.85 -23.07 33.91
C GLN A 166 1.98 -22.02 34.60
N ASP A 167 1.91 -22.01 35.92
CA ASP A 167 1.09 -21.03 36.63
C ASP A 167 1.68 -19.60 36.44
N SER A 168 0.86 -18.67 35.98
CA SER A 168 1.34 -17.30 35.69
C SER A 168 1.85 -16.55 36.94
N LYS A 169 1.44 -16.97 38.13
CA LYS A 169 1.84 -16.37 39.41
C LYS A 169 3.09 -16.97 40.11
N ASP A 170 3.13 -18.30 40.34
CA ASP A 170 4.28 -18.94 41.00
C ASP A 170 5.22 -19.77 40.07
N SER A 171 4.87 -19.85 38.78
CA SER A 171 5.64 -20.54 37.76
C SER A 171 5.82 -22.06 37.88
N THR A 172 5.06 -22.72 38.77
CA THR A 172 5.09 -24.16 38.89
C THR A 172 4.12 -24.86 37.97
N TYR A 173 4.16 -26.20 38.01
CA TYR A 173 3.27 -27.06 37.27
C TYR A 173 2.48 -27.92 38.24
N SER A 174 1.33 -28.40 37.79
CA SER A 174 0.56 -29.38 38.54
C SER A 174 -0.02 -30.43 37.63
N MET A 175 -0.39 -31.57 38.21
CA MET A 175 -0.85 -32.72 37.47
C MET A 175 -1.81 -33.54 38.31
N SER A 176 -2.82 -34.11 37.65
CA SER A 176 -3.62 -35.13 38.28
C SER A 176 -3.50 -36.40 37.53
N SER A 177 -3.62 -37.48 38.27
CA SER A 177 -3.61 -38.82 37.69
C SER A 177 -4.79 -39.52 38.28
N THR A 178 -5.64 -40.09 37.46
CA THR A 178 -6.83 -40.79 37.93
C THR A 178 -6.84 -42.19 37.38
N LEU A 179 -6.90 -43.14 38.30
CA LEU A 179 -7.02 -44.58 37.98
C LEU A 179 -8.46 -44.93 38.07
N THR A 180 -9.08 -45.31 36.96
CA THR A 180 -10.51 -45.62 37.03
C THR A 180 -10.71 -47.15 37.01
N LEU A 181 -11.31 -47.66 38.07
CA LEU A 181 -11.66 -49.07 38.18
C LEU A 181 -13.18 -49.28 38.29
N THR A 182 -13.60 -50.56 38.18
CA THR A 182 -14.96 -50.99 38.47
C THR A 182 -14.98 -51.14 39.98
N LYS A 183 -16.13 -50.97 40.60
CA LYS A 183 -16.22 -51.24 42.03
C LYS A 183 -15.71 -52.64 42.30
N ASP A 184 -16.15 -53.59 41.48
CA ASP A 184 -15.74 -54.99 41.66
C ASP A 184 -14.22 -55.19 41.64
N GLU A 185 -13.53 -54.56 40.69
CA GLU A 185 -12.08 -54.68 40.58
C GLU A 185 -11.44 -53.92 41.74
N TYR A 186 -12.09 -52.84 42.17
CA TYR A 186 -11.57 -52.05 43.29
C TYR A 186 -11.57 -52.95 44.50
N GLU A 187 -12.66 -53.68 44.68
CA GLU A 187 -12.83 -54.50 45.90
C GLU A 187 -11.94 -55.72 45.99
N ARG A 188 -11.37 -56.17 44.87
CA ARG A 188 -10.45 -57.30 44.91
C ARG A 188 -9.11 -56.98 45.56
N HIS A 189 -8.76 -55.71 45.74
CA HIS A 189 -7.42 -55.39 46.24
C HIS A 189 -7.50 -54.49 47.44
N ASN A 190 -6.41 -54.40 48.18
CA ASN A 190 -6.43 -53.61 49.40
C ASN A 190 -5.65 -52.28 49.35
N SER A 191 -4.50 -52.33 48.70
CA SER A 191 -3.49 -51.35 48.87
C SER A 191 -3.31 -50.59 47.58
N TYR A 192 -3.58 -49.27 47.65
CA TYR A 192 -3.50 -48.37 46.51
C TYR A 192 -2.45 -47.29 46.71
N THR A 193 -1.56 -47.20 45.74
CA THR A 193 -0.37 -46.39 45.86
C THR A 193 -0.10 -45.58 44.59
N CYS A 194 0.22 -44.32 44.80
CA CYS A 194 0.57 -43.34 43.81
C CYS A 194 2.06 -42.97 44.09
N GLU A 195 2.94 -43.09 43.11
CA GLU A 195 4.35 -42.72 43.31
C GLU A 195 4.79 -41.76 42.24
N ALA A 196 5.33 -40.66 42.69
CA ALA A 196 5.85 -39.63 41.81
C ALA A 196 7.38 -39.64 41.82
N THR A 197 7.95 -39.54 40.64
CA THR A 197 9.37 -39.51 40.50
C THR A 197 9.69 -38.23 39.79
N HIS A 198 10.58 -37.44 40.38
CA HIS A 198 10.82 -36.08 39.97
C HIS A 198 12.29 -35.67 40.29
N LYS A 199 12.94 -34.91 39.42
CA LYS A 199 14.37 -34.66 39.59
C LYS A 199 14.79 -34.11 40.96
N THR A 200 13.88 -33.51 41.72
CA THR A 200 14.19 -33.02 43.07
C THR A 200 14.56 -34.12 44.07
N SER A 201 14.62 -35.35 43.63
CA SER A 201 14.82 -36.46 44.55
C SER A 201 14.97 -37.75 43.79
N THR A 202 16.03 -38.49 44.07
CA THR A 202 16.27 -39.78 43.43
C THR A 202 15.32 -40.82 43.98
N SER A 203 14.67 -40.55 45.11
CA SER A 203 13.62 -41.44 45.52
C SER A 203 12.19 -40.87 45.35
N PRO A 204 11.28 -41.71 44.87
CA PRO A 204 9.89 -41.37 44.65
C PRO A 204 9.14 -40.91 45.91
N ILE A 205 8.14 -40.06 45.69
CA ILE A 205 7.19 -39.69 46.73
C ILE A 205 6.01 -40.63 46.58
N VAL A 206 5.73 -41.35 47.65
CA VAL A 206 4.85 -42.50 47.64
C VAL A 206 3.72 -42.08 48.52
N LYS A 207 2.49 -42.20 48.04
CA LYS A 207 1.34 -41.93 48.89
C LYS A 207 0.39 -43.06 48.66
N SER A 208 -0.20 -43.56 49.74
CA SER A 208 -1.11 -44.67 49.57
C SER A 208 -2.06 -44.82 50.72
N PHE A 209 -2.96 -45.75 50.56
CA PHE A 209 -3.95 -46.06 51.53
C PHE A 209 -4.38 -47.51 51.36
N ASN A 210 -4.96 -48.06 52.43
CA ASN A 210 -5.53 -49.38 52.42
C ASN A 210 -7.04 -49.27 52.44
N ARG A 211 -7.67 -49.87 51.44
CA ARG A 211 -9.11 -49.79 51.21
C ARG A 211 -9.96 -50.01 52.47
N ASN A 212 -9.46 -50.83 53.39
CA ASN A 212 -10.08 -50.97 54.70
C ASN A 212 -9.17 -50.41 55.78
N GLU A 213 -9.42 -49.15 56.13
CA GLU A 213 -8.64 -48.47 57.16
C GLU A 213 -9.43 -47.19 57.39
N GLU B 1 -9.12 0.70 14.68
CA GLU B 1 -8.39 -0.53 15.11
C GLU B 1 -8.91 -1.68 14.25
N VAL B 2 -8.00 -2.42 13.64
CA VAL B 2 -8.34 -3.55 12.81
C VAL B 2 -8.71 -4.67 13.75
N GLN B 3 -9.88 -5.25 13.53
CA GLN B 3 -10.38 -6.32 14.36
C GLN B 3 -11.09 -7.40 13.58
N LEU B 4 -10.96 -8.64 14.03
CA LEU B 4 -11.65 -9.75 13.42
C LEU B 4 -12.39 -10.47 14.48
N GLN B 5 -13.72 -10.55 14.39
CA GLN B 5 -14.57 -11.26 15.37
C GLN B 5 -15.12 -12.54 14.76
N GLN B 6 -14.78 -13.64 15.41
CA GLN B 6 -15.17 -14.92 14.93
C GLN B 6 -16.40 -15.45 15.66
N SER B 7 -17.14 -16.29 15.00
CA SER B 7 -18.34 -16.86 15.59
C SER B 7 -17.99 -17.94 16.68
N GLY B 8 -18.99 -18.27 17.50
CA GLY B 8 -18.86 -19.17 18.69
C GLY B 8 -18.68 -20.66 18.33
N THR B 9 -18.52 -21.45 19.39
CA THR B 9 -18.20 -22.85 19.29
C THR B 9 -19.35 -23.55 18.55
N VAL B 10 -19.01 -24.43 17.61
CA VAL B 10 -19.98 -25.25 16.98
C VAL B 10 -19.70 -26.73 17.23
N LEU B 11 -20.78 -27.49 17.47
CA LEU B 11 -20.71 -28.94 17.69
C LEU B 11 -21.38 -29.55 16.53
N ALA B 12 -20.84 -30.64 16.02
CA ALA B 12 -21.50 -31.35 14.92
C ALA B 12 -21.26 -32.85 14.99
N ARG B 13 -22.07 -33.61 14.27
CA ARG B 13 -21.93 -35.05 14.22
C ARG B 13 -21.02 -35.42 13.06
N PRO B 14 -20.35 -36.56 13.13
CA PRO B 14 -19.54 -37.01 11.99
C PRO B 14 -20.33 -37.08 10.68
N GLY B 15 -19.67 -36.70 9.58
CA GLY B 15 -20.33 -36.59 8.26
C GLY B 15 -21.20 -35.37 8.04
N ALA B 16 -21.46 -34.57 9.08
CA ALA B 16 -22.21 -33.33 8.89
C ALA B 16 -21.30 -32.13 8.38
N SER B 17 -21.92 -30.96 8.31
CA SER B 17 -21.28 -29.71 7.91
C SER B 17 -21.42 -28.63 8.94
N VAL B 18 -20.53 -27.65 8.87
CA VAL B 18 -20.49 -26.57 9.83
C VAL B 18 -20.02 -25.36 9.06
N LYS B 19 -20.56 -24.21 9.42
CA LYS B 19 -20.24 -22.98 8.78
C LYS B 19 -19.98 -21.90 9.85
N MET B 20 -18.82 -21.25 9.78
CA MET B 20 -18.44 -20.26 10.74
C MET B 20 -18.14 -18.95 10.03
N SER B 21 -18.13 -17.89 10.80
CA SER B 21 -17.98 -16.57 10.25
C SER B 21 -16.83 -15.78 10.93
N CYS B 22 -16.38 -14.73 10.22
CA CYS B 22 -15.36 -13.82 10.65
C CYS B 22 -15.69 -12.41 10.20
N LYS B 23 -16.08 -11.60 11.18
CA LYS B 23 -16.51 -10.23 10.95
C LYS B 23 -15.33 -9.21 11.02
N ALA B 24 -15.02 -8.57 9.90
CA ALA B 24 -13.89 -7.67 9.86
C ALA B 24 -14.32 -6.26 10.16
N SER B 25 -13.50 -5.48 10.86
CA SER B 25 -13.80 -4.06 11.03
C SER B 25 -12.53 -3.23 11.10
N GLY B 26 -12.64 -1.92 10.81
CA GLY B 26 -11.52 -0.96 10.94
C GLY B 26 -10.57 -0.96 9.75
N TYR B 27 -11.00 -1.52 8.61
CA TYR B 27 -10.18 -1.48 7.39
C TYR B 27 -11.01 -1.75 6.13
N SER B 28 -10.37 -1.62 4.97
CA SER B 28 -11.07 -1.90 3.73
C SER B 28 -11.13 -3.42 3.47
N PHE B 29 -12.25 -4.00 3.85
CA PHE B 29 -12.47 -5.43 3.70
C PHE B 29 -12.17 -5.96 2.33
N THR B 30 -12.48 -5.20 1.28
CA THR B 30 -12.31 -5.69 -0.10
C THR B 30 -10.84 -5.63 -0.54
N SER B 31 -9.96 -5.04 0.28
CA SER B 31 -8.60 -4.77 -0.19
C SER B 31 -7.57 -5.77 0.34
N TYR B 32 -7.99 -6.76 1.12
CA TYR B 32 -7.02 -7.68 1.74
C TYR B 32 -7.48 -9.15 1.69
N TRP B 33 -6.58 -10.06 1.31
CA TRP B 33 -6.80 -11.50 1.48
C TRP B 33 -7.16 -11.83 2.94
N MET B 34 -8.22 -12.61 3.13
CA MET B 34 -8.51 -13.19 4.46
C MET B 34 -8.12 -14.65 4.48
N HIS B 35 -7.30 -15.04 5.43
CA HIS B 35 -6.74 -16.37 5.50
C HIS B 35 -7.38 -17.13 6.60
N TRP B 36 -7.39 -18.46 6.45
CA TRP B 36 -7.91 -19.33 7.47
C TRP B 36 -6.88 -20.38 7.85
N VAL B 37 -6.78 -20.63 9.14
CA VAL B 37 -5.72 -21.42 9.69
C VAL B 37 -6.32 -22.38 10.73
N LYS B 38 -5.88 -23.64 10.67
CA LYS B 38 -6.32 -24.71 11.60
C LYS B 38 -5.31 -25.01 12.66
N GLN B 39 -5.79 -25.26 13.87
CA GLN B 39 -4.90 -25.72 14.93
C GLN B 39 -5.57 -26.83 15.77
N ARG B 40 -5.14 -28.07 15.62
CA ARG B 40 -5.55 -29.09 16.59
C ARG B 40 -4.57 -29.16 17.73
N PRO B 41 -5.05 -29.59 18.90
CA PRO B 41 -4.19 -29.64 20.09
C PRO B 41 -2.84 -30.34 19.90
N GLY B 42 -1.80 -29.70 20.43
CA GLY B 42 -0.40 -30.06 20.21
C GLY B 42 -0.13 -30.60 18.82
N GLN B 43 -0.46 -29.80 17.80
CA GLN B 43 -0.40 -30.29 16.43
C GLN B 43 0.10 -29.31 15.38
N GLY B 44 0.35 -28.06 15.72
CA GLY B 44 0.98 -27.19 14.72
C GLY B 44 0.01 -26.54 13.73
N LEU B 45 0.24 -25.27 13.43
CA LEU B 45 -0.69 -24.51 12.62
C LEU B 45 -0.70 -25.01 11.18
N GLU B 46 -1.85 -25.00 10.56
CA GLU B 46 -1.96 -25.40 9.15
C GLU B 46 -2.76 -24.40 8.35
N TRP B 47 -2.23 -23.96 7.23
CA TRP B 47 -2.93 -22.97 6.44
C TRP B 47 -3.96 -23.69 5.60
N ILE B 48 -5.22 -23.32 5.75
CA ILE B 48 -6.29 -23.96 4.99
C ILE B 48 -6.47 -23.33 3.61
N GLY B 49 -6.51 -22.00 3.60
CA GLY B 49 -6.79 -21.28 2.39
C GLY B 49 -7.08 -19.81 2.67
N ALA B 50 -7.43 -19.10 1.59
CA ALA B 50 -7.78 -17.73 1.70
C ALA B 50 -8.79 -17.27 0.63
N VAL B 51 -9.50 -16.16 0.92
CA VAL B 51 -10.43 -15.57 0.03
C VAL B 51 -10.08 -14.07 -0.17
N TYR B 52 -10.17 -13.56 -1.40
CA TYR B 52 -9.92 -12.12 -1.67
C TYR B 52 -11.25 -11.45 -1.88
N PRO B 53 -11.77 -10.74 -0.88
CA PRO B 53 -13.16 -10.28 -1.06
C PRO B 53 -13.36 -9.25 -2.14
N GLY B 54 -12.32 -8.58 -2.58
CA GLY B 54 -12.37 -7.65 -3.72
C GLY B 54 -12.77 -8.25 -5.05
N ASN B 55 -12.62 -9.56 -5.23
CA ASN B 55 -13.11 -10.22 -6.46
C ASN B 55 -13.60 -11.63 -6.27
N SER B 56 -13.77 -12.05 -5.03
CA SER B 56 -14.30 -13.36 -4.71
C SER B 56 -13.41 -14.55 -5.00
N ASP B 57 -12.17 -14.32 -5.38
CA ASP B 57 -11.30 -15.43 -5.71
C ASP B 57 -10.87 -16.12 -4.41
N THR B 58 -10.50 -17.40 -4.54
CA THR B 58 -10.13 -18.23 -3.43
C THR B 58 -8.89 -19.02 -3.78
N SER B 59 -8.19 -19.47 -2.76
CA SER B 59 -7.05 -20.35 -2.93
C SER B 59 -7.02 -21.33 -1.73
N TYR B 60 -6.83 -22.61 -2.03
CA TYR B 60 -6.98 -23.69 -1.05
C TYR B 60 -5.71 -24.50 -1.02
N ASN B 61 -5.22 -24.78 0.18
CA ASN B 61 -4.22 -25.84 0.36
C ASN B 61 -4.80 -27.14 -0.27
N GLN B 62 -4.04 -27.84 -1.11
CA GLN B 62 -4.52 -29.14 -1.67
C GLN B 62 -5.03 -30.14 -0.60
N LYS B 63 -4.45 -30.10 0.59
CA LYS B 63 -4.91 -30.93 1.66
C LYS B 63 -6.33 -30.56 2.11
N PHE B 64 -6.87 -29.38 1.75
CA PHE B 64 -8.24 -28.98 2.14
C PHE B 64 -9.19 -28.69 0.99
N LYS B 65 -8.75 -28.89 -0.25
CA LYS B 65 -9.65 -28.76 -1.41
C LYS B 65 -10.98 -29.45 -1.18
N GLY B 66 -10.97 -30.70 -0.76
CA GLY B 66 -12.28 -31.35 -0.47
C GLY B 66 -13.11 -30.69 0.66
N LYS B 67 -12.40 -30.26 1.71
CA LYS B 67 -12.98 -30.02 3.01
C LYS B 67 -13.65 -28.70 3.18
N ALA B 68 -12.99 -27.66 2.70
CA ALA B 68 -13.32 -26.29 3.08
C ALA B 68 -13.86 -25.51 1.92
N LYS B 69 -14.86 -24.69 2.20
CA LYS B 69 -15.35 -23.76 1.21
C LYS B 69 -15.33 -22.33 1.78
N LEU B 70 -14.70 -21.40 1.08
CA LEU B 70 -14.56 -20.00 1.58
C LEU B 70 -15.33 -19.01 0.76
N THR B 71 -15.99 -18.09 1.47
CA THR B 71 -16.79 -17.05 0.86
C THR B 71 -16.66 -15.75 1.63
N ALA B 72 -17.17 -14.68 1.03
CA ALA B 72 -17.19 -13.37 1.66
C ALA B 72 -18.42 -12.64 1.20
N VAL B 73 -18.93 -11.78 2.08
CA VAL B 73 -20.05 -10.92 1.76
C VAL B 73 -19.59 -9.55 2.10
N THR B 74 -19.51 -8.74 1.05
CA THR B 74 -18.79 -7.50 1.21
C THR B 74 -19.64 -6.44 1.89
N SER B 75 -20.95 -6.36 1.62
CA SER B 75 -21.76 -5.37 2.35
C SER B 75 -21.54 -5.50 3.89
N ALA B 76 -21.28 -6.73 4.38
CA ALA B 76 -21.17 -7.01 5.84
C ALA B 76 -19.75 -7.13 6.37
N SER B 77 -18.78 -7.11 5.46
CA SER B 77 -17.40 -7.30 5.85
C SER B 77 -17.23 -8.58 6.60
N THR B 78 -17.92 -9.63 6.18
CA THR B 78 -17.71 -10.87 6.85
C THR B 78 -17.31 -11.99 5.90
N ALA B 79 -16.32 -12.75 6.33
CA ALA B 79 -15.89 -13.94 5.59
C ALA B 79 -16.38 -15.20 6.29
N TYR B 80 -16.56 -16.25 5.53
CA TYR B 80 -17.18 -17.48 6.01
C TYR B 80 -16.37 -18.66 5.60
N MET B 81 -16.34 -19.67 6.47
CA MET B 81 -15.76 -20.99 6.11
C MET B 81 -16.70 -22.15 6.46
N GLU B 82 -17.00 -22.99 5.49
CA GLU B 82 -17.87 -24.11 5.69
C GLU B 82 -17.03 -25.36 5.62
N LEU B 83 -17.12 -26.20 6.64
CA LEU B 83 -16.40 -27.48 6.64
C LEU B 83 -17.38 -28.65 6.52
N SER B 84 -17.13 -29.55 5.58
CA SER B 84 -18.09 -30.61 5.29
C SER B 84 -17.49 -32.01 5.49
N SER B 85 -18.38 -33.01 5.47
CA SER B 85 -18.04 -34.41 5.77
C SER B 85 -17.18 -34.49 7.00
N LEU B 86 -17.67 -33.98 8.11
CA LEU B 86 -16.82 -33.82 9.27
C LEU B 86 -16.37 -35.16 9.85
N THR B 87 -15.25 -35.11 10.53
CA THR B 87 -14.52 -36.25 10.99
C THR B 87 -13.92 -35.78 12.30
N ASN B 88 -13.48 -36.71 13.15
CA ASN B 88 -12.86 -36.34 14.43
C ASN B 88 -11.62 -35.46 14.23
N GLU B 89 -10.97 -35.69 13.11
CA GLU B 89 -9.80 -34.97 12.71
C GLU B 89 -10.06 -33.51 12.40
N ASP B 90 -11.32 -33.14 12.17
CA ASP B 90 -11.67 -31.75 11.99
C ASP B 90 -11.97 -31.05 13.29
N SER B 91 -11.96 -31.76 14.40
CA SER B 91 -12.04 -31.10 15.71
C SER B 91 -10.84 -30.22 16.05
N ALA B 92 -11.03 -28.90 16.11
CA ALA B 92 -9.90 -27.98 16.24
C ALA B 92 -10.38 -26.58 16.53
N VAL B 93 -9.41 -25.69 16.70
CA VAL B 93 -9.60 -24.28 16.59
C VAL B 93 -9.25 -23.78 15.21
N TYR B 94 -10.08 -22.89 14.71
CA TYR B 94 -10.00 -22.40 13.35
C TYR B 94 -9.94 -20.87 13.44
N TYR B 95 -8.87 -20.27 12.88
CA TYR B 95 -8.61 -18.85 12.97
C TYR B 95 -8.78 -18.26 11.60
N CYS B 96 -9.28 -17.02 11.52
CA CYS B 96 -9.18 -16.21 10.30
C CYS B 96 -8.11 -15.20 10.59
N SER B 97 -7.49 -14.68 9.55
CA SER B 97 -6.47 -13.67 9.73
C SER B 97 -6.28 -12.82 8.48
N ARG B 98 -5.78 -11.62 8.68
CA ARG B 98 -5.67 -10.65 7.57
C ARG B 98 -4.24 -10.57 7.10
N SER B 99 -4.05 -10.67 5.79
CA SER B 99 -2.78 -10.30 5.14
C SER B 99 -2.30 -9.01 5.72
N SER B 100 -1.01 -8.86 5.95
CA SER B 100 -0.51 -7.60 6.50
C SER B 100 -0.44 -6.60 5.35
N LEU B 101 -0.45 -7.09 4.10
CA LEU B 101 -0.45 -6.21 2.92
C LEU B 101 -1.71 -6.30 2.06
N ASP B 102 -2.03 -5.15 1.44
CA ASP B 102 -3.22 -5.01 0.64
C ASP B 102 -2.95 -5.42 -0.80
N GLY B 103 -4.00 -5.98 -1.44
CA GLY B 103 -3.95 -6.25 -2.85
C GLY B 103 -4.04 -7.70 -3.21
N TYR B 104 -4.32 -7.92 -4.47
CA TYR B 104 -4.62 -9.22 -4.95
C TYR B 104 -3.41 -10.12 -5.10
N TYR B 105 -2.32 -9.57 -5.57
CA TYR B 105 -1.15 -10.36 -5.89
C TYR B 105 -0.27 -10.68 -4.74
N VAL B 106 -0.52 -10.17 -3.55
CA VAL B 106 0.17 -10.63 -2.35
C VAL B 106 -0.53 -11.83 -1.69
N LYS B 107 -0.87 -12.84 -2.45
CA LYS B 107 -1.58 -14.02 -1.90
C LYS B 107 -0.79 -14.72 -0.78
N ASN B 108 0.51 -14.90 -0.96
CA ASN B 108 1.36 -15.58 0.02
C ASN B 108 2.16 -14.60 0.83
N TRP B 109 1.61 -14.13 1.94
CA TRP B 109 2.33 -13.20 2.80
C TRP B 109 2.10 -13.61 4.24
N CYS B 110 2.55 -12.77 5.16
CA CYS B 110 2.28 -12.96 6.57
C CYS B 110 1.03 -12.16 6.94
N PHE B 111 0.60 -12.29 8.18
CA PHE B 111 -0.68 -11.77 8.66
C PHE B 111 -0.44 -10.79 9.81
N ASP B 112 -1.14 -9.66 9.86
CA ASP B 112 -0.96 -8.77 10.97
C ASP B 112 -2.05 -8.77 12.03
N VAL B 113 -3.20 -9.37 11.79
CA VAL B 113 -4.24 -9.48 12.80
C VAL B 113 -4.91 -10.83 12.66
N TRP B 114 -5.25 -11.44 13.80
CA TRP B 114 -5.90 -12.73 13.81
C TRP B 114 -7.17 -12.63 14.60
N GLY B 115 -8.15 -13.41 14.19
CA GLY B 115 -9.29 -13.68 15.07
C GLY B 115 -8.94 -14.49 16.30
N GLN B 116 -9.85 -14.56 17.26
CA GLN B 116 -9.62 -15.26 18.55
C GLN B 116 -9.84 -16.77 18.35
N GLY B 117 -10.36 -17.19 17.22
CA GLY B 117 -10.54 -18.62 16.94
C GLY B 117 -11.94 -19.14 17.21
N THR B 118 -12.41 -20.04 16.35
CA THR B 118 -13.66 -20.74 16.50
C THR B 118 -13.38 -22.23 16.68
N THR B 119 -13.87 -22.79 17.81
CA THR B 119 -13.75 -24.19 18.13
C THR B 119 -14.84 -25.00 17.40
N VAL B 120 -14.42 -26.04 16.69
CA VAL B 120 -15.33 -27.02 16.10
C VAL B 120 -15.12 -28.37 16.82
N THR B 121 -16.17 -28.90 17.43
CA THR B 121 -16.07 -30.17 18.14
C THR B 121 -16.95 -31.19 17.43
N VAL B 122 -16.31 -32.23 16.94
CA VAL B 122 -17.01 -33.27 16.15
C VAL B 122 -17.11 -34.50 17.02
N SER B 123 -18.34 -34.91 17.30
CA SER B 123 -18.63 -36.00 18.23
C SER B 123 -20.00 -36.56 17.98
N SER B 124 -20.18 -37.84 18.32
CA SER B 124 -21.47 -38.53 18.31
C SER B 124 -22.19 -38.45 19.63
N ALA B 125 -21.50 -37.98 20.65
CA ALA B 125 -22.05 -37.97 21.99
C ALA B 125 -23.28 -37.08 22.16
N LYS B 126 -23.92 -37.35 23.28
CA LYS B 126 -25.13 -36.73 23.66
C LYS B 126 -24.86 -35.86 24.87
N THR B 127 -25.59 -34.74 24.89
CA THR B 127 -25.59 -33.85 26.00
C THR B 127 -25.92 -34.62 27.27
N THR B 128 -24.95 -34.62 28.19
CA THR B 128 -24.98 -35.33 29.47
C THR B 128 -24.39 -34.48 30.63
N ALA B 129 -25.19 -34.29 31.68
CA ALA B 129 -24.73 -33.65 32.91
C ALA B 129 -23.68 -34.48 33.57
N PRO B 130 -22.73 -33.84 34.28
CA PRO B 130 -21.70 -34.58 34.93
C PRO B 130 -22.22 -35.16 36.21
N SER B 131 -21.48 -36.11 36.76
CA SER B 131 -21.55 -36.52 38.12
C SER B 131 -20.39 -35.83 38.81
N VAL B 132 -20.61 -35.50 40.06
CA VAL B 132 -19.70 -34.77 40.80
C VAL B 132 -19.47 -35.49 42.12
N TYR B 133 -18.24 -35.87 42.41
CA TYR B 133 -17.91 -36.58 43.60
C TYR B 133 -16.89 -35.82 44.45
N PRO B 134 -17.16 -35.67 45.76
CA PRO B 134 -16.22 -35.04 46.68
C PRO B 134 -15.07 -35.97 46.97
N LEU B 135 -13.88 -35.42 47.17
CA LEU B 135 -12.68 -36.18 47.46
C LEU B 135 -12.12 -35.72 48.79
N ALA B 136 -12.38 -36.51 49.83
CA ALA B 136 -11.84 -36.27 51.17
C ALA B 136 -10.57 -37.07 51.42
N PRO B 137 -9.66 -36.49 52.17
CA PRO B 137 -8.39 -37.13 52.54
C PRO B 137 -8.56 -38.49 53.10
N VAL B 138 -7.52 -39.30 52.95
CA VAL B 138 -7.50 -40.65 53.48
C VAL B 138 -7.97 -40.66 54.92
N CYS B 139 -8.75 -41.70 55.22
CA CYS B 139 -9.32 -41.91 56.56
C CYS B 139 -8.27 -41.64 57.66
N GLY B 140 -8.57 -40.66 58.52
CA GLY B 140 -7.72 -40.34 59.67
C GLY B 140 -6.34 -39.78 59.39
N ASP B 141 -6.06 -39.35 58.16
CA ASP B 141 -4.77 -38.72 57.85
C ASP B 141 -4.85 -37.18 57.90
N THR B 142 -5.56 -36.67 58.91
CA THR B 142 -5.55 -35.25 59.25
C THR B 142 -4.29 -34.96 60.10
N THR B 143 -3.18 -34.71 59.40
CA THR B 143 -1.84 -34.85 59.99
C THR B 143 -0.95 -33.59 59.89
N GLY B 144 -0.63 -33.12 58.68
CA GLY B 144 0.30 -31.99 58.47
C GLY B 144 -0.29 -30.61 58.80
N SER B 145 0.45 -29.57 58.47
CA SER B 145 -0.02 -28.20 58.73
C SER B 145 -1.05 -27.71 57.67
N SER B 146 -0.99 -28.27 56.46
CA SER B 146 -1.99 -27.99 55.43
C SER B 146 -2.67 -29.28 54.94
N VAL B 147 -3.89 -29.17 54.40
CA VAL B 147 -4.63 -30.33 53.87
C VAL B 147 -5.17 -30.08 52.45
N THR B 148 -5.15 -31.14 51.62
CA THR B 148 -5.63 -31.03 50.24
C THR B 148 -6.96 -31.76 50.06
N LEU B 149 -7.94 -31.08 49.46
CA LEU B 149 -9.26 -31.66 49.12
C LEU B 149 -9.48 -31.67 47.64
N GLY B 150 -10.44 -32.45 47.18
CA GLY B 150 -10.68 -32.52 45.76
C GLY B 150 -12.12 -32.69 45.37
N CYS B 151 -12.34 -32.51 44.07
CA CYS B 151 -13.61 -32.68 43.47
C CYS B 151 -13.41 -33.36 42.11
N LEU B 152 -14.13 -34.44 41.83
CA LEU B 152 -14.04 -35.17 40.57
C LEU B 152 -15.33 -34.95 39.81
N VAL B 153 -15.19 -34.65 38.54
CA VAL B 153 -16.30 -34.30 37.69
C VAL B 153 -16.19 -35.24 36.52
N LYS B 154 -17.20 -36.08 36.36
CA LYS B 154 -17.10 -37.22 35.49
C LYS B 154 -18.29 -37.37 34.57
N GLY B 155 -18.03 -37.65 33.31
CA GLY B 155 -19.05 -38.18 32.44
C GLY B 155 -19.94 -37.15 31.81
N TYR B 156 -19.35 -36.06 31.34
CA TYR B 156 -20.14 -34.97 30.72
C TYR B 156 -19.75 -34.69 29.32
N PHE B 157 -20.70 -34.05 28.62
CA PHE B 157 -20.52 -33.59 27.28
C PHE B 157 -21.58 -32.52 27.02
N PRO B 158 -21.22 -31.43 26.31
CA PRO B 158 -19.95 -31.00 25.82
C PRO B 158 -19.23 -30.19 26.86
N GLU B 159 -18.00 -29.83 26.55
CA GLU B 159 -17.35 -28.73 27.27
C GLU B 159 -18.20 -27.46 27.16
N PRO B 160 -18.14 -26.59 28.16
CA PRO B 160 -17.28 -26.71 29.31
C PRO B 160 -18.06 -26.89 30.57
N VAL B 161 -17.34 -27.00 31.66
CA VAL B 161 -17.89 -27.00 32.99
C VAL B 161 -17.16 -25.85 33.67
N THR B 162 -17.75 -25.22 34.66
CA THR B 162 -16.99 -24.25 35.46
C THR B 162 -17.05 -24.77 36.89
N LEU B 163 -15.93 -24.68 37.56
CA LEU B 163 -15.84 -25.22 38.89
C LEU B 163 -15.34 -24.13 39.79
N THR B 164 -15.95 -24.03 40.96
CA THR B 164 -15.50 -23.06 41.97
C THR B 164 -15.48 -23.73 43.34
N TRP B 165 -14.81 -23.09 44.27
CA TRP B 165 -14.72 -23.58 45.62
C TRP B 165 -15.36 -22.49 46.50
N ASN B 166 -16.26 -22.90 47.40
CA ASN B 166 -17.10 -22.01 48.22
C ASN B 166 -17.67 -20.81 47.45
N SER B 167 -18.32 -21.12 46.33
CA SER B 167 -18.94 -20.12 45.45
C SER B 167 -17.98 -19.05 44.97
N GLY B 168 -16.69 -19.35 45.05
CA GLY B 168 -15.67 -18.48 44.47
C GLY B 168 -14.82 -17.72 45.46
N SER B 169 -15.26 -17.68 46.72
CA SER B 169 -14.49 -16.93 47.73
C SER B 169 -13.18 -17.66 48.04
N LEU B 170 -13.19 -18.98 47.96
CA LEU B 170 -11.95 -19.76 48.10
C LEU B 170 -11.31 -19.95 46.73
N SER B 171 -10.25 -19.22 46.42
CA SER B 171 -9.71 -19.16 45.05
C SER B 171 -8.19 -19.35 44.96
N SER B 172 -7.47 -19.16 46.05
CA SER B 172 -6.05 -19.37 45.99
C SER B 172 -5.74 -20.82 46.47
N GLY B 173 -4.60 -21.35 46.08
CA GLY B 173 -4.33 -22.78 46.29
C GLY B 173 -5.27 -23.79 45.60
N VAL B 174 -5.88 -23.37 44.49
CA VAL B 174 -6.78 -24.18 43.68
C VAL B 174 -6.07 -24.57 42.41
N HIS B 175 -6.20 -25.84 42.01
CA HIS B 175 -5.78 -26.29 40.72
C HIS B 175 -6.95 -27.00 40.07
N THR B 176 -7.30 -26.56 38.88
CA THR B 176 -8.40 -27.11 38.15
C THR B 176 -7.83 -27.56 36.84
N PHE B 177 -7.95 -28.86 36.56
CA PHE B 177 -7.17 -29.44 35.48
C PHE B 177 -7.98 -29.44 34.18
N PRO B 178 -7.31 -29.36 33.04
CA PRO B 178 -8.05 -29.50 31.79
C PRO B 178 -8.77 -30.85 31.72
N ALA B 179 -9.93 -30.86 31.08
CA ALA B 179 -10.73 -32.03 30.93
C ALA B 179 -10.07 -33.01 29.96
N VAL B 180 -10.27 -34.31 30.15
CA VAL B 180 -9.91 -35.26 29.12
C VAL B 180 -11.07 -36.16 28.72
N LEU B 181 -10.97 -36.72 27.54
CA LEU B 181 -11.92 -37.70 27.10
C LEU B 181 -11.64 -39.08 27.66
N GLN B 182 -12.66 -39.67 28.27
CA GLN B 182 -12.73 -41.10 28.50
C GLN B 182 -13.81 -41.57 27.58
N SER B 183 -13.45 -42.22 26.49
CA SER B 183 -14.43 -42.66 25.51
C SER B 183 -15.08 -41.39 24.88
N ASP B 184 -16.39 -41.26 24.99
CA ASP B 184 -17.08 -40.12 24.35
C ASP B 184 -17.24 -38.93 25.30
N LEU B 185 -16.85 -39.04 26.57
CA LEU B 185 -17.32 -38.11 27.56
C LEU B 185 -16.12 -37.52 28.29
N TYR B 186 -16.31 -36.39 28.97
CA TYR B 186 -15.18 -35.65 29.53
C TYR B 186 -15.17 -35.79 31.02
N THR B 187 -13.98 -35.74 31.61
CA THR B 187 -13.82 -35.79 33.04
C THR B 187 -12.76 -34.78 33.47
N LEU B 188 -12.98 -34.12 34.58
CA LEU B 188 -11.91 -33.29 35.13
C LEU B 188 -11.88 -33.35 36.62
N SER B 189 -10.94 -32.67 37.22
CA SER B 189 -10.80 -32.73 38.66
C SER B 189 -10.26 -31.40 39.06
N SER B 190 -10.47 -31.04 40.32
CA SER B 190 -9.90 -29.86 40.87
C SER B 190 -9.47 -30.20 42.28
N SER B 191 -8.31 -29.63 42.68
CA SER B 191 -7.86 -29.69 44.06
C SER B 191 -7.82 -28.31 44.69
N VAL B 192 -8.07 -28.29 45.99
CA VAL B 192 -7.84 -27.10 46.81
C VAL B 192 -7.11 -27.44 48.12
N THR B 193 -6.12 -26.61 48.42
CA THR B 193 -5.21 -26.76 49.53
C THR B 193 -5.38 -25.54 50.45
N VAL B 194 -5.36 -25.81 51.75
CA VAL B 194 -5.94 -24.95 52.74
C VAL B 194 -5.21 -25.33 54.04
N THR B 195 -5.15 -24.47 55.06
CA THR B 195 -4.41 -24.86 56.28
C THR B 195 -5.31 -25.79 57.12
N SER B 196 -4.73 -26.69 57.95
CA SER B 196 -5.58 -27.69 58.66
C SER B 196 -6.43 -27.16 59.81
N SER B 197 -6.19 -25.92 60.23
CA SER B 197 -7.12 -25.25 61.12
C SER B 197 -8.32 -24.66 60.34
N THR B 198 -8.17 -24.48 59.02
CA THR B 198 -9.30 -24.04 58.17
C THR B 198 -10.34 -25.14 58.12
N ARG B 199 -9.93 -26.39 58.25
CA ARG B 199 -10.90 -27.45 58.11
C ARG B 199 -10.50 -28.88 58.53
N PRO B 200 -11.49 -29.72 58.88
CA PRO B 200 -12.93 -29.51 58.63
C PRO B 200 -13.72 -28.61 59.58
N SER B 201 -13.06 -27.79 60.38
CA SER B 201 -13.83 -26.87 61.23
C SER B 201 -14.70 -25.95 60.36
N GLN B 202 -14.13 -25.39 59.29
CA GLN B 202 -14.96 -24.67 58.30
C GLN B 202 -15.34 -25.49 57.05
N SER B 203 -16.50 -25.12 56.50
CA SER B 203 -17.14 -25.77 55.38
C SER B 203 -16.40 -25.56 54.05
N ILE B 204 -16.11 -26.64 53.34
CA ILE B 204 -15.61 -26.53 51.97
C ILE B 204 -16.50 -27.32 50.97
N THR B 205 -17.00 -26.55 50.01
CA THR B 205 -17.96 -27.02 49.03
C THR B 205 -17.44 -26.72 47.62
N CYS B 206 -17.56 -27.74 46.80
CA CYS B 206 -17.24 -27.78 45.39
C CYS B 206 -18.52 -27.37 44.63
N ASN B 207 -18.43 -26.39 43.73
CA ASN B 207 -19.58 -25.95 42.87
C ASN B 207 -19.28 -26.17 41.40
N VAL B 208 -20.16 -26.88 40.71
CA VAL B 208 -19.92 -27.25 39.38
C VAL B 208 -21.13 -26.89 38.55
N ALA B 209 -20.89 -26.09 37.55
CA ALA B 209 -21.95 -25.68 36.59
C ALA B 209 -21.62 -26.31 35.21
N HIS B 210 -22.67 -26.82 34.57
CA HIS B 210 -22.57 -27.31 33.19
C HIS B 210 -23.64 -26.64 32.38
N PRO B 211 -23.32 -25.50 31.79
CA PRO B 211 -24.35 -24.70 31.10
C PRO B 211 -25.11 -25.50 30.10
N ALA B 212 -24.43 -26.38 29.35
CA ALA B 212 -25.08 -27.16 28.31
C ALA B 212 -26.20 -28.11 28.75
N SER B 213 -26.25 -28.46 30.04
CA SER B 213 -27.34 -29.28 30.57
C SER B 213 -28.06 -28.51 31.65
N SER B 214 -27.73 -27.23 31.80
CA SER B 214 -28.32 -26.31 32.82
C SER B 214 -28.22 -26.89 34.23
N THR B 215 -27.12 -27.60 34.50
CA THR B 215 -26.88 -28.14 35.85
C THR B 215 -25.92 -27.29 36.66
N LYS B 216 -26.28 -27.14 37.94
CA LYS B 216 -25.44 -26.60 39.02
C LYS B 216 -25.51 -27.56 40.16
N VAL B 217 -24.37 -28.05 40.63
CA VAL B 217 -24.38 -28.94 41.79
C VAL B 217 -23.36 -28.53 42.78
N ASP B 218 -23.69 -28.73 44.04
CA ASP B 218 -22.78 -28.48 45.11
C ASP B 218 -22.44 -29.79 45.77
N LYS B 219 -21.15 -29.97 46.08
CA LYS B 219 -20.70 -31.10 46.89
C LYS B 219 -19.83 -30.65 48.04
N LYS B 220 -20.41 -30.75 49.24
CA LYS B 220 -19.70 -30.49 50.48
C LYS B 220 -18.66 -31.55 50.64
N ILE B 221 -17.43 -31.18 50.98
CA ILE B 221 -16.42 -32.21 51.30
C ILE B 221 -16.50 -32.60 52.79
N GLU B 222 -16.82 -33.86 53.07
CA GLU B 222 -17.04 -34.34 54.43
C GLU B 222 -15.93 -35.26 54.81
N PRO B 223 -15.40 -35.10 56.01
CA PRO B 223 -14.34 -36.01 56.45
C PRO B 223 -14.83 -37.45 56.38
N ARG B 224 -13.92 -38.39 56.16
CA ARG B 224 -14.27 -39.81 56.07
C ARG B 224 -14.41 -40.45 57.45
N GLY B 225 -15.33 -41.40 57.61
CA GLY B 225 -15.52 -42.08 58.91
C GLY B 225 -16.19 -43.46 58.93
N PHE C 10 16.02 31.88 -47.94
CA PHE C 10 17.07 32.45 -47.04
C PHE C 10 17.98 31.36 -46.44
N ALA C 11 19.28 31.62 -46.32
CA ALA C 11 20.27 30.55 -45.96
C ALA C 11 20.45 30.26 -44.45
N SER C 12 20.25 31.28 -43.62
CA SER C 12 20.35 31.12 -42.16
C SER C 12 19.13 30.35 -41.56
N GLN C 13 18.21 29.92 -42.42
CA GLN C 13 17.15 29.01 -42.06
C GLN C 13 17.70 27.64 -41.72
N ALA C 14 18.94 27.35 -42.16
CA ALA C 14 19.61 26.04 -41.90
C ALA C 14 19.92 25.70 -40.43
N VAL C 15 19.96 26.68 -39.55
CA VAL C 15 20.27 26.45 -38.12
C VAL C 15 19.13 25.73 -37.37
N ALA C 16 17.96 25.69 -37.98
CA ALA C 16 16.82 24.98 -37.48
C ALA C 16 17.05 23.46 -37.47
N LYS C 17 17.90 22.99 -38.40
CA LYS C 17 18.10 21.55 -38.60
C LYS C 17 18.66 20.81 -37.35
N PRO C 18 19.71 21.35 -36.72
CA PRO C 18 20.21 20.68 -35.51
C PRO C 18 19.15 20.59 -34.41
N TYR C 19 18.32 21.63 -34.31
CA TYR C 19 17.23 21.67 -33.36
C TYR C 19 16.20 20.57 -33.61
N PHE C 20 15.72 20.44 -34.84
CA PHE C 20 14.75 19.39 -35.14
C PHE C 20 15.36 17.97 -35.01
N VAL C 21 16.59 17.78 -35.44
CA VAL C 21 17.23 16.46 -35.28
C VAL C 21 17.33 16.08 -33.79
N PHE C 22 17.93 16.95 -32.98
CA PHE C 22 18.15 16.63 -31.59
C PHE C 22 16.81 16.35 -30.92
N ALA C 23 15.83 17.22 -31.18
CA ALA C 23 14.48 17.05 -30.64
C ALA C 23 13.97 15.65 -30.91
N LEU C 24 14.14 15.14 -32.14
CA LEU C 24 13.65 13.79 -32.49
C LEU C 24 14.40 12.67 -31.79
N ILE C 25 15.69 12.89 -31.52
CA ILE C 25 16.52 11.89 -30.79
C ILE C 25 16.00 11.80 -29.33
N LEU C 26 15.78 12.99 -28.75
CA LEU C 26 15.27 13.09 -27.38
C LEU C 26 13.86 12.48 -27.26
N PHE C 27 13.01 12.75 -28.24
CA PHE C 27 11.67 12.14 -28.36
C PHE C 27 11.77 10.59 -28.26
N VAL C 28 12.75 9.99 -28.93
CA VAL C 28 12.98 8.54 -28.81
C VAL C 28 13.28 8.16 -27.34
N GLY C 29 14.27 8.81 -26.75
CA GLY C 29 14.52 8.61 -25.31
C GLY C 29 13.27 8.72 -24.42
N GLN C 30 12.42 9.70 -24.72
CA GLN C 30 11.19 9.87 -23.98
C GLN C 30 10.33 8.63 -24.03
N ILE C 31 10.14 8.09 -25.24
CA ILE C 31 9.30 6.90 -25.41
C ILE C 31 9.87 5.68 -24.66
N LEU C 32 11.19 5.44 -24.75
CA LEU C 32 11.82 4.32 -24.01
C LEU C 32 11.61 4.40 -22.51
N PHE C 33 11.66 5.61 -21.95
CA PHE C 33 11.51 5.72 -20.49
C PHE C 33 10.03 5.62 -20.13
N GLY C 34 9.17 6.05 -21.04
CA GLY C 34 7.75 5.79 -20.95
C GLY C 34 7.50 4.29 -20.86
N LEU C 35 8.07 3.53 -21.79
CA LEU C 35 7.88 2.09 -21.82
C LEU C 35 8.41 1.44 -20.54
N ILE C 36 9.54 1.92 -20.01
CA ILE C 36 10.07 1.41 -18.74
C ILE C 36 9.08 1.62 -17.60
N MET C 37 8.53 2.81 -17.51
CA MET C 37 7.56 3.11 -16.44
C MET C 37 6.29 2.28 -16.58
N GLY C 38 5.82 2.16 -17.82
CA GLY C 38 4.59 1.43 -18.08
C GLY C 38 4.72 -0.03 -17.65
N LEU C 39 5.92 -0.61 -17.74
CA LEU C 39 6.14 -1.97 -17.26
C LEU C 39 6.20 -2.00 -15.74
N GLN C 40 6.80 -0.95 -15.15
CA GLN C 40 6.92 -0.80 -13.71
C GLN C 40 5.56 -0.75 -13.03
N TYR C 41 4.60 -0.16 -13.69
CA TYR C 41 3.22 -0.23 -13.22
C TYR C 41 2.76 -1.67 -12.88
N VAL C 42 3.19 -2.67 -13.66
CA VAL C 42 2.61 -4.03 -13.49
C VAL C 42 3.61 -5.08 -13.05
N VAL C 43 4.88 -4.83 -13.29
CA VAL C 43 5.97 -5.52 -12.66
C VAL C 43 6.69 -4.46 -11.84
N GLY C 44 6.20 -4.29 -10.63
CA GLY C 44 6.52 -3.13 -9.80
C GLY C 44 7.96 -2.98 -9.37
N ASP C 45 8.72 -4.06 -9.45
CA ASP C 45 10.11 -4.03 -9.05
C ASP C 45 11.03 -4.05 -10.27
N PHE C 46 10.47 -3.92 -11.46
CA PHE C 46 11.30 -3.87 -12.66
C PHE C 46 12.30 -2.69 -12.64
N LEU C 47 13.56 -3.06 -12.84
CA LEU C 47 14.72 -2.15 -12.86
C LEU C 47 15.02 -1.51 -11.49
N PHE C 48 14.50 -2.10 -10.43
CA PHE C 48 14.63 -1.55 -9.09
C PHE C 48 15.71 -2.36 -8.38
N PRO C 49 16.56 -1.70 -7.56
CA PRO C 49 16.58 -0.29 -7.17
C PRO C 49 17.43 0.62 -8.04
N ALA C 50 17.95 0.09 -9.15
CA ALA C 50 18.83 0.86 -10.02
C ALA C 50 18.15 2.10 -10.60
N ILE C 51 16.99 1.93 -11.21
CA ILE C 51 16.24 3.07 -11.76
C ILE C 51 14.85 3.02 -11.19
N PRO C 52 14.69 3.58 -9.99
CA PRO C 52 13.37 3.65 -9.45
C PRO C 52 12.43 4.52 -10.32
N PHE C 53 11.16 4.20 -10.24
CA PHE C 53 10.13 4.76 -11.09
C PHE C 53 10.20 6.27 -11.17
N ASN C 54 10.42 6.93 -10.07
CA ASN C 54 10.51 8.38 -10.08
C ASN C 54 11.67 8.95 -10.97
N VAL C 55 12.80 8.22 -11.01
CA VAL C 55 13.95 8.61 -11.80
C VAL C 55 13.55 8.43 -13.27
N ALA C 56 12.94 7.28 -13.56
CA ALA C 56 12.47 7.03 -14.92
C ALA C 56 11.46 8.10 -15.35
N ARG C 57 10.62 8.50 -14.42
CA ARG C 57 9.58 9.46 -14.70
C ARG C 57 10.15 10.84 -15.05
N MET C 58 11.12 11.32 -14.29
CA MET C 58 11.65 12.67 -14.54
C MET C 58 12.45 12.67 -15.85
N VAL C 59 13.12 11.57 -16.16
CA VAL C 59 13.70 11.41 -17.49
C VAL C 59 12.59 11.55 -18.55
N HIS C 60 11.55 10.72 -18.48
CA HIS C 60 10.37 10.82 -19.38
C HIS C 60 9.80 12.21 -19.45
N THR C 61 9.53 12.88 -18.32
CA THR C 61 8.85 14.18 -18.45
C THR C 61 9.76 15.36 -18.84
N ASN C 62 11.04 15.33 -18.44
CA ASN C 62 11.97 16.38 -18.83
C ASN C 62 12.45 16.24 -20.26
N LEU C 63 12.64 15.02 -20.71
CA LEU C 63 12.86 14.78 -22.13
C LEU C 63 11.69 15.27 -22.97
N LEU C 64 10.46 15.24 -22.47
CA LEU C 64 9.30 15.76 -23.21
C LEU C 64 9.31 17.28 -23.28
N ILE C 65 9.56 17.95 -22.17
CA ILE C 65 9.55 19.39 -22.18
C ILE C 65 10.73 19.92 -23.02
N VAL C 66 11.92 19.35 -22.80
CA VAL C 66 13.13 19.76 -23.52
C VAL C 66 13.06 19.53 -25.03
N TRP C 67 12.62 18.35 -25.48
CA TRP C 67 12.50 18.14 -26.91
C TRP C 67 11.47 19.04 -27.61
N LEU C 68 10.35 19.33 -26.94
CA LEU C 68 9.37 20.28 -27.44
C LEU C 68 9.96 21.69 -27.53
N LEU C 69 10.71 22.11 -26.49
CA LEU C 69 11.41 23.41 -26.49
C LEU C 69 12.39 23.53 -27.67
N PHE C 70 13.18 22.48 -27.88
CA PHE C 70 14.03 22.36 -29.08
C PHE C 70 13.26 22.47 -30.40
N GLY C 71 12.10 21.82 -30.50
CA GLY C 71 11.26 21.97 -31.68
C GLY C 71 10.77 23.41 -31.84
N PHE C 72 10.41 24.06 -30.74
CA PHE C 72 9.95 25.46 -30.80
C PHE C 72 11.05 26.38 -31.32
N MET C 73 12.26 26.24 -30.77
CA MET C 73 13.36 27.08 -31.18
C MET C 73 13.72 26.79 -32.63
N GLY C 74 13.74 25.51 -32.96
CA GLY C 74 13.87 25.11 -34.35
C GLY C 74 12.82 25.77 -35.19
N ALA C 75 11.55 25.65 -34.80
CA ALA C 75 10.47 26.29 -35.58
C ALA C 75 10.68 27.81 -35.74
N ALA C 76 11.15 28.49 -34.69
CA ALA C 76 11.36 29.93 -34.74
C ALA C 76 12.55 30.26 -35.67
N TYR C 77 13.64 29.52 -35.53
CA TYR C 77 14.79 29.71 -36.41
C TYR C 77 14.50 29.56 -37.91
N TYR C 78 13.52 28.73 -38.26
CA TYR C 78 13.16 28.50 -39.65
C TYR C 78 12.25 29.58 -40.21
N LEU C 79 11.13 29.86 -39.53
CA LEU C 79 10.10 30.71 -40.11
C LEU C 79 10.32 32.19 -39.84
N VAL C 80 11.02 32.54 -38.78
CA VAL C 80 11.26 33.95 -38.51
C VAL C 80 12.07 34.67 -39.63
N PRO C 81 13.18 34.09 -40.09
CA PRO C 81 13.82 34.65 -41.27
C PRO C 81 12.83 34.93 -42.41
N GLU C 82 12.05 33.93 -42.82
CA GLU C 82 11.09 34.10 -43.92
C GLU C 82 10.05 35.19 -43.70
N GLU C 83 9.43 35.21 -42.53
CA GLU C 83 8.48 36.27 -42.15
C GLU C 83 9.16 37.60 -42.19
N SER C 84 10.30 37.72 -41.53
CA SER C 84 10.97 39.01 -41.42
C SER C 84 11.60 39.52 -42.75
N ASP C 85 11.67 38.61 -43.75
CA ASP C 85 12.17 38.89 -45.09
C ASP C 85 13.66 39.27 -45.07
N CYS C 86 14.41 38.70 -44.11
CA CYS C 86 15.86 38.89 -44.04
C CYS C 86 16.59 37.76 -43.32
N GLU C 87 17.91 37.85 -43.27
CA GLU C 87 18.73 36.85 -42.60
C GLU C 87 18.59 36.98 -41.08
N LEU C 88 18.75 35.85 -40.39
CA LEU C 88 18.72 35.80 -38.93
C LEU C 88 19.87 36.58 -38.32
N TYR C 89 19.58 37.37 -37.29
CA TYR C 89 20.60 38.15 -36.59
C TYR C 89 21.96 37.43 -36.43
N SER C 90 22.01 36.12 -36.15
CA SER C 90 23.30 35.45 -35.96
C SER C 90 23.23 33.93 -36.02
N PRO C 91 23.67 33.33 -37.15
CA PRO C 91 23.78 31.87 -37.20
C PRO C 91 24.79 31.28 -36.21
N LYS C 92 25.94 31.93 -36.04
CA LYS C 92 26.93 31.43 -35.08
C LYS C 92 26.33 31.44 -33.64
N LEU C 93 25.41 32.36 -33.35
CA LEU C 93 24.73 32.37 -32.03
C LEU C 93 23.79 31.14 -31.97
N ALA C 94 22.95 31.00 -32.99
CA ALA C 94 22.05 29.86 -33.09
C ALA C 94 22.77 28.52 -32.87
N TRP C 95 24.01 28.40 -33.33
CA TRP C 95 24.80 27.16 -33.15
C TRP C 95 25.45 27.06 -31.78
N ILE C 96 26.01 28.15 -31.25
CA ILE C 96 26.58 28.09 -29.87
C ILE C 96 25.51 27.75 -28.83
N LEU C 97 24.33 28.38 -28.95
CA LEU C 97 23.19 28.10 -28.09
C LEU C 97 22.74 26.65 -28.25
N PHE C 98 22.68 26.13 -29.48
CA PHE C 98 22.33 24.74 -29.69
C PHE C 98 23.16 23.77 -28.83
N TRP C 99 24.49 23.92 -28.86
CA TRP C 99 25.38 22.98 -28.10
C TRP C 99 25.29 23.20 -26.60
N VAL C 100 25.06 24.44 -26.18
CA VAL C 100 24.94 24.73 -24.74
C VAL C 100 23.67 24.05 -24.16
N PHE C 101 22.56 24.23 -24.87
CA PHE C 101 21.27 23.68 -24.49
C PHE C 101 21.33 22.16 -24.58
N ALA C 102 21.92 21.60 -25.65
CA ALA C 102 22.08 20.14 -25.80
C ALA C 102 22.94 19.55 -24.73
N ALA C 103 24.00 20.23 -24.35
CA ALA C 103 24.87 19.69 -23.30
C ALA C 103 24.22 19.81 -21.92
N ALA C 104 23.45 20.89 -21.70
CA ALA C 104 22.84 21.13 -20.40
C ALA C 104 21.71 20.14 -20.18
N GLY C 105 20.92 19.91 -21.24
CA GLY C 105 19.89 18.91 -21.22
C GLY C 105 20.45 17.54 -20.90
N VAL C 106 21.46 17.10 -21.67
CA VAL C 106 22.02 15.74 -21.54
C VAL C 106 22.70 15.57 -20.18
N LEU C 107 23.33 16.64 -19.70
CA LEU C 107 23.90 16.68 -18.34
C LEU C 107 22.86 16.49 -17.23
N THR C 108 21.73 17.21 -17.31
CA THR C 108 20.79 17.15 -16.18
C THR C 108 20.09 15.80 -16.17
N ILE C 109 19.73 15.29 -17.34
CA ILE C 109 19.24 13.92 -17.52
C ILE C 109 20.17 12.87 -16.91
N LEU C 110 21.48 13.04 -17.10
CA LEU C 110 22.49 12.08 -16.58
C LEU C 110 22.61 12.16 -15.08
N GLY C 111 22.54 13.38 -14.56
CA GLY C 111 22.44 13.56 -13.11
C GLY C 111 21.27 12.82 -12.48
N TYR C 112 20.14 12.88 -13.14
CA TYR C 112 18.97 12.16 -12.67
C TYR C 112 19.26 10.66 -12.57
N LEU C 113 19.87 10.11 -13.62
CA LEU C 113 20.08 8.67 -13.71
C LEU C 113 21.30 8.18 -12.92
N LEU C 114 22.29 9.04 -12.71
CA LEU C 114 23.60 8.58 -12.19
C LEU C 114 23.79 8.86 -10.70
N VAL C 115 22.95 9.72 -10.12
CA VAL C 115 23.02 9.97 -8.69
C VAL C 115 21.62 10.01 -8.07
N PRO C 116 21.45 9.26 -6.96
CA PRO C 116 20.25 9.44 -6.16
C PRO C 116 19.86 10.92 -6.09
N TYR C 117 18.58 11.22 -6.20
CA TYR C 117 18.13 12.60 -6.29
C TYR C 117 18.63 13.52 -5.19
N ALA C 118 18.66 13.02 -3.96
CA ALA C 118 19.02 13.86 -2.83
C ALA C 118 20.52 14.23 -2.88
N GLY C 119 21.31 13.27 -3.40
CA GLY C 119 22.73 13.46 -3.71
C GLY C 119 22.98 14.48 -4.81
N LEU C 120 22.16 14.46 -5.85
CA LEU C 120 22.24 15.43 -6.93
C LEU C 120 21.93 16.80 -6.34
N ALA C 121 21.05 16.83 -5.34
CA ALA C 121 20.66 18.07 -4.66
C ALA C 121 21.79 18.72 -3.86
N ARG C 122 22.42 17.92 -3.01
CA ARG C 122 23.65 18.34 -2.33
C ARG C 122 24.68 18.86 -3.33
N LEU C 123 25.11 17.96 -4.22
CA LEU C 123 26.10 18.18 -5.29
C LEU C 123 25.94 19.46 -6.13
N THR C 124 24.69 19.89 -6.39
CA THR C 124 24.44 21.10 -7.18
C THR C 124 24.07 22.30 -6.29
N GLY C 125 24.26 22.12 -4.98
CA GLY C 125 24.07 23.21 -4.00
C GLY C 125 22.65 23.72 -3.92
N ASN C 126 21.68 22.79 -4.01
CA ASN C 126 20.25 23.12 -3.95
C ASN C 126 19.89 23.87 -2.70
N GLU C 127 20.64 23.64 -1.64
CA GLU C 127 20.29 24.16 -0.32
C GLU C 127 20.41 25.69 -0.23
N LEU C 128 21.18 26.28 -1.14
CA LEU C 128 21.35 27.72 -1.18
C LEU C 128 20.11 28.34 -1.86
N TRP C 129 19.71 27.77 -2.99
CA TRP C 129 18.50 28.19 -3.72
C TRP C 129 17.59 26.96 -4.06
N PRO C 130 16.72 26.54 -3.13
CA PRO C 130 16.01 25.27 -3.32
C PRO C 130 14.83 25.34 -4.29
N THR C 131 15.03 24.79 -5.50
CA THR C 131 14.01 24.72 -6.56
C THR C 131 13.73 23.29 -7.04
N MET C 132 14.43 22.29 -6.50
CA MET C 132 14.38 20.90 -6.98
C MET C 132 13.18 20.09 -6.40
N GLY C 133 12.86 18.96 -7.03
CA GLY C 133 11.84 18.07 -6.48
C GLY C 133 10.42 18.59 -6.53
N ARG C 134 10.14 19.48 -7.48
CA ARG C 134 8.77 19.81 -7.85
C ARG C 134 8.52 19.23 -9.24
N GLU C 135 7.30 18.75 -9.47
CA GLU C 135 6.98 18.06 -10.72
C GLU C 135 7.31 18.95 -11.94
N PHE C 136 7.84 18.32 -12.99
CA PHE C 136 8.29 18.96 -14.23
C PHE C 136 9.47 19.93 -14.06
N LEU C 137 9.83 20.15 -12.79
CA LEU C 137 10.79 21.18 -12.36
C LEU C 137 11.90 20.56 -11.50
N GLU C 138 12.31 19.36 -11.90
CA GLU C 138 13.18 18.49 -11.10
C GLU C 138 14.65 18.80 -11.35
N GLN C 139 14.90 19.57 -12.40
CA GLN C 139 16.27 19.97 -12.77
C GLN C 139 16.94 20.85 -11.69
N PRO C 140 18.23 20.60 -11.39
CA PRO C 140 18.97 21.46 -10.42
C PRO C 140 18.84 22.94 -10.74
N THR C 141 19.06 23.80 -9.75
CA THR C 141 18.89 25.26 -9.97
C THR C 141 19.87 25.80 -11.07
N ILE C 142 21.10 25.28 -11.08
CA ILE C 142 22.08 25.60 -12.13
C ILE C 142 21.64 25.16 -13.52
N SER C 143 20.90 24.05 -13.62
CA SER C 143 20.30 23.63 -14.89
C SER C 143 19.21 24.61 -15.29
N LYS C 144 18.39 25.04 -14.34
CA LYS C 144 17.33 26.00 -14.65
C LYS C 144 17.98 27.30 -15.14
N ALA C 145 18.92 27.84 -14.34
CA ALA C 145 19.72 29.04 -14.72
C ALA C 145 20.30 28.95 -16.14
N GLY C 146 20.97 27.84 -16.45
CA GLY C 146 21.45 27.56 -17.80
C GLY C 146 20.37 27.55 -18.88
N ILE C 147 19.15 27.13 -18.54
CA ILE C 147 18.03 27.18 -19.50
C ILE C 147 17.59 28.63 -19.71
N VAL C 148 17.51 29.41 -18.63
CA VAL C 148 17.16 30.85 -18.76
C VAL C 148 18.16 31.57 -19.68
N ILE C 149 19.46 31.36 -19.46
CA ILE C 149 20.53 32.00 -20.27
C ILE C 149 20.42 31.61 -21.77
N VAL C 150 20.21 30.33 -22.06
CA VAL C 150 19.89 29.89 -23.43
C VAL C 150 18.64 30.60 -24.00
N ALA C 151 17.59 30.70 -23.18
CA ALA C 151 16.36 31.33 -23.65
C ALA C 151 16.51 32.85 -23.89
N LEU C 152 17.40 33.50 -23.13
CA LEU C 152 17.67 34.92 -23.34
C LEU C 152 18.42 35.13 -24.67
N GLY C 153 19.54 34.43 -24.82
CA GLY C 153 20.27 34.39 -26.08
C GLY C 153 19.30 34.21 -27.25
N PHE C 154 18.61 33.09 -27.22
CA PHE C 154 17.65 32.70 -28.27
C PHE C 154 16.61 33.75 -28.59
N LEU C 155 16.13 34.46 -27.56
CA LEU C 155 15.09 35.47 -27.74
C LEU C 155 15.70 36.72 -28.39
N PHE C 156 16.89 37.07 -27.95
CA PHE C 156 17.65 38.16 -28.53
C PHE C 156 17.87 37.84 -30.02
N ASN C 157 18.45 36.66 -30.29
CA ASN C 157 18.71 36.22 -31.67
C ASN C 157 17.48 36.36 -32.58
N VAL C 158 16.37 35.77 -32.19
CA VAL C 158 15.18 35.81 -33.04
C VAL C 158 14.45 37.19 -32.96
N GLY C 159 14.55 37.87 -31.81
CA GLY C 159 13.89 39.15 -31.56
C GLY C 159 14.51 40.32 -32.30
N MET C 160 15.83 40.26 -32.45
CA MET C 160 16.60 41.22 -33.25
C MET C 160 16.26 41.11 -34.71
N THR C 161 16.06 39.87 -35.14
CA THR C 161 15.70 39.56 -36.51
C THR C 161 14.34 40.15 -36.86
N VAL C 162 13.39 40.07 -35.93
CA VAL C 162 12.09 40.69 -36.10
C VAL C 162 12.25 42.20 -36.17
N LEU C 163 13.11 42.75 -35.32
CA LEU C 163 13.27 44.20 -35.21
C LEU C 163 13.70 44.86 -36.55
N ARG C 164 14.85 44.47 -37.06
CA ARG C 164 15.27 44.81 -38.42
C ARG C 164 14.73 43.82 -39.44
N GLY C 165 13.49 44.03 -39.88
CA GLY C 165 12.83 43.10 -40.82
C GLY C 165 11.36 43.48 -40.91
N ARG C 166 10.60 42.84 -41.79
CA ARG C 166 9.16 43.06 -41.71
C ARG C 166 8.53 42.37 -40.49
N LYS C 167 7.75 43.14 -39.75
CA LYS C 167 6.80 42.65 -38.79
C LYS C 167 5.59 42.03 -39.47
N THR C 168 5.21 40.81 -39.03
CA THR C 168 3.94 40.19 -39.40
C THR C 168 3.23 39.84 -38.09
N ALA C 169 1.91 39.69 -38.13
CA ALA C 169 1.16 39.19 -36.95
C ALA C 169 1.68 37.79 -36.49
N ILE C 170 1.83 36.85 -37.44
CA ILE C 170 2.40 35.53 -37.15
C ILE C 170 3.64 35.63 -36.28
N SER C 171 4.66 36.30 -36.81
CA SER C 171 5.93 36.39 -36.11
C SER C 171 5.80 37.13 -34.77
N MET C 172 4.89 38.09 -34.66
CA MET C 172 4.80 38.84 -33.42
C MET C 172 4.04 38.08 -32.30
N VAL C 173 3.04 37.31 -32.71
CA VAL C 173 2.35 36.38 -31.83
C VAL C 173 3.31 35.25 -31.37
N LEU C 174 4.07 34.68 -32.30
CA LEU C 174 5.13 33.72 -31.95
C LEU C 174 6.10 34.32 -30.93
N MET C 175 6.59 35.52 -31.17
CA MET C 175 7.55 36.13 -30.24
C MET C 175 6.93 36.41 -28.89
N THR C 176 5.69 36.89 -28.90
CA THR C 176 4.93 37.14 -27.66
C THR C 176 4.84 35.86 -26.82
N GLY C 177 4.49 34.76 -27.51
CA GLY C 177 4.42 33.43 -26.90
C GLY C 177 5.78 33.01 -26.38
N LEU C 178 6.81 33.18 -27.19
CA LEU C 178 8.15 32.79 -26.79
C LEU C 178 8.63 33.60 -25.61
N ILE C 179 8.22 34.86 -25.54
CA ILE C 179 8.75 35.71 -24.48
C ILE C 179 8.00 35.36 -23.23
N GLY C 180 6.69 35.25 -23.37
CA GLY C 180 5.84 34.79 -22.27
C GLY C 180 6.31 33.49 -21.65
N LEU C 181 6.66 32.50 -22.48
CA LEU C 181 7.23 31.21 -22.00
C LEU C 181 8.41 31.39 -21.06
N ALA C 182 9.39 32.18 -21.50
CA ALA C 182 10.63 32.40 -20.76
C ALA C 182 10.40 33.14 -19.46
N LEU C 183 9.55 34.17 -19.54
CA LEU C 183 9.13 34.97 -18.39
C LEU C 183 8.49 34.08 -17.33
N LEU C 184 7.40 33.41 -17.70
CA LEU C 184 6.73 32.45 -16.81
C LEU C 184 7.68 31.39 -16.25
N PHE C 185 8.62 30.92 -17.04
CA PHE C 185 9.63 30.00 -16.51
C PHE C 185 10.35 30.56 -15.28
N LEU C 186 10.42 31.87 -15.16
CA LEU C 186 11.09 32.46 -14.01
C LEU C 186 10.42 32.07 -12.72
N PHE C 187 9.12 31.76 -12.77
CA PHE C 187 8.43 31.36 -11.55
C PHE C 187 8.91 30.04 -10.99
N SER C 188 9.57 29.23 -11.81
CA SER C 188 10.22 28.00 -11.32
C SER C 188 11.41 28.26 -10.38
N PHE C 189 11.83 29.51 -10.25
CA PHE C 189 12.85 29.89 -9.27
C PHE C 189 12.21 30.27 -7.95
N TYR C 190 10.90 30.52 -7.98
CA TYR C 190 10.13 30.87 -6.78
C TYR C 190 9.54 29.61 -6.11
N ASN C 191 10.14 29.19 -5.00
CA ASN C 191 9.71 28.04 -4.23
C ASN C 191 9.30 28.41 -2.83
N PRO C 192 8.03 28.83 -2.63
CA PRO C 192 7.57 29.20 -1.29
C PRO C 192 7.69 28.08 -0.29
N GLU C 193 7.70 28.47 0.97
CA GLU C 193 7.77 27.56 2.09
C GLU C 193 6.38 26.98 2.46
N ASN C 194 5.34 27.77 2.22
CA ASN C 194 3.95 27.34 2.36
C ASN C 194 3.51 26.56 1.12
N LEU C 195 3.09 25.32 1.38
CA LEU C 195 2.81 24.33 0.33
C LEU C 195 1.73 24.80 -0.64
N THR C 196 0.66 25.37 -0.08
CA THR C 196 -0.43 25.89 -0.92
C THR C 196 0.08 26.99 -1.86
N ARG C 197 0.90 27.89 -1.33
CA ARG C 197 1.49 28.98 -2.12
C ARG C 197 2.40 28.41 -3.22
N ASP C 198 3.15 27.38 -2.89
CA ASP C 198 4.04 26.67 -3.83
C ASP C 198 3.20 26.11 -4.98
N LYS C 199 2.12 25.42 -4.66
CA LYS C 199 1.24 24.85 -5.70
C LYS C 199 0.59 25.97 -6.52
N PHE C 200 0.05 26.98 -5.84
CA PHE C 200 -0.54 28.12 -6.54
C PHE C 200 0.35 28.70 -7.68
N TYR C 201 1.63 28.92 -7.38
CA TYR C 201 2.56 29.49 -8.36
C TYR C 201 3.17 28.48 -9.32
N TRP C 202 3.19 27.21 -8.92
CA TRP C 202 3.63 26.16 -9.81
C TRP C 202 2.81 26.20 -11.10
N TRP C 203 1.52 26.44 -10.99
CA TRP C 203 0.62 26.41 -12.14
C TRP C 203 0.77 27.62 -13.11
N TRP C 204 1.42 28.69 -12.63
CA TRP C 204 1.75 29.82 -13.47
C TRP C 204 2.80 29.36 -14.46
N VAL C 205 3.62 28.38 -14.07
CA VAL C 205 4.47 27.73 -15.09
C VAL C 205 3.63 26.80 -15.96
N VAL C 206 3.09 25.74 -15.36
CA VAL C 206 2.56 24.66 -16.15
C VAL C 206 1.31 25.09 -16.91
N HIS C 207 0.32 25.65 -16.23
CA HIS C 207 -0.94 26.01 -16.90
C HIS C 207 -0.86 27.23 -17.84
N LEU C 208 -0.15 28.28 -17.42
CA LEU C 208 -0.06 29.48 -18.27
C LEU C 208 0.87 29.26 -19.43
N TRP C 209 1.75 28.26 -19.32
CA TRP C 209 2.44 27.76 -20.49
C TRP C 209 1.43 27.14 -21.48
N VAL C 210 0.99 25.96 -21.10
CA VAL C 210 0.37 24.94 -21.96
C VAL C 210 -1.04 25.33 -22.45
N GLU C 211 -1.81 26.06 -21.63
CA GLU C 211 -3.11 26.60 -22.08
C GLU C 211 -3.10 28.14 -22.31
N GLY C 212 -1.93 28.73 -22.45
CA GLY C 212 -1.82 30.18 -22.67
C GLY C 212 -0.77 30.46 -23.72
N VAL C 213 0.41 30.68 -23.23
CA VAL C 213 1.51 31.16 -24.01
C VAL C 213 1.95 30.14 -25.10
N TRP C 214 2.00 28.85 -24.75
CA TRP C 214 2.30 27.82 -25.74
C TRP C 214 1.24 27.77 -26.84
N GLU C 215 0.02 28.26 -26.56
CA GLU C 215 -1.03 28.23 -27.60
C GLU C 215 -0.81 29.33 -28.61
N LEU C 216 -0.16 30.40 -28.16
CA LEU C 216 0.34 31.45 -29.11
C LEU C 216 1.42 30.83 -30.01
N ILE C 217 2.32 30.04 -29.41
CA ILE C 217 3.40 29.42 -30.19
C ILE C 217 2.78 28.46 -31.20
N MET C 218 2.00 27.53 -30.72
CA MET C 218 1.39 26.53 -31.59
C MET C 218 0.59 27.18 -32.71
N GLY C 219 -0.24 28.16 -32.37
CA GLY C 219 -1.10 28.84 -33.36
C GLY C 219 -0.28 29.60 -34.40
N ALA C 220 0.77 30.28 -33.94
CA ALA C 220 1.65 30.97 -34.87
C ALA C 220 2.26 29.96 -35.85
N ILE C 221 2.74 28.84 -35.34
CA ILE C 221 3.33 27.80 -36.23
C ILE C 221 2.27 27.27 -37.18
N LEU C 222 1.09 26.96 -36.69
CA LEU C 222 0.01 26.51 -37.55
C LEU C 222 -0.28 27.52 -38.67
N ALA C 223 -0.41 28.80 -38.30
CA ALA C 223 -0.78 29.85 -39.26
C ALA C 223 0.25 29.97 -40.37
N PHE C 224 1.51 30.06 -39.99
CA PHE C 224 2.60 30.01 -40.96
C PHE C 224 2.55 28.80 -41.92
N VAL C 225 2.42 27.59 -41.38
CA VAL C 225 2.34 26.43 -42.23
C VAL C 225 1.15 26.52 -43.17
N LEU C 226 0.02 27.02 -42.68
CA LEU C 226 -1.16 27.22 -43.55
C LEU C 226 -0.94 28.35 -44.57
N VAL C 227 -0.14 29.35 -44.23
CA VAL C 227 0.14 30.40 -45.20
C VAL C 227 0.95 29.79 -46.35
N LYS C 228 1.98 29.03 -46.00
CA LYS C 228 2.89 28.41 -46.97
C LYS C 228 2.33 27.22 -47.74
N ILE C 229 1.26 26.61 -47.26
CA ILE C 229 0.80 25.32 -47.79
C ILE C 229 -0.47 25.48 -48.57
N THR C 230 -1.14 26.58 -48.31
CA THR C 230 -2.50 26.71 -48.74
C THR C 230 -2.63 27.85 -49.79
N GLY C 231 -1.68 28.79 -49.81
CA GLY C 231 -1.74 29.97 -50.69
C GLY C 231 -2.93 30.90 -50.41
N VAL C 232 -3.64 30.65 -49.30
CA VAL C 232 -4.74 31.49 -48.89
C VAL C 232 -4.10 32.74 -48.33
N ASP C 233 -4.83 33.83 -48.51
CA ASP C 233 -4.45 35.18 -48.07
C ASP C 233 -3.84 35.24 -46.68
N ARG C 234 -2.71 35.91 -46.56
CA ARG C 234 -2.09 36.15 -45.25
C ARG C 234 -3.05 36.91 -44.29
N GLU C 235 -3.79 37.88 -44.81
CA GLU C 235 -4.67 38.74 -44.01
C GLU C 235 -5.78 37.97 -43.28
N VAL C 236 -6.38 36.99 -43.94
CA VAL C 236 -7.48 36.23 -43.31
C VAL C 236 -6.91 35.23 -42.30
N ILE C 237 -5.84 34.55 -42.66
CA ILE C 237 -5.17 33.64 -41.77
C ILE C 237 -4.84 34.36 -40.44
N GLU C 238 -4.24 35.55 -40.54
CA GLU C 238 -3.77 36.26 -39.33
C GLU C 238 -4.94 36.81 -38.49
N LYS C 239 -6.05 37.10 -39.13
CA LYS C 239 -7.26 37.47 -38.42
C LYS C 239 -7.72 36.31 -37.53
N TRP C 240 -7.79 35.11 -38.11
CA TRP C 240 -8.28 34.00 -37.36
C TRP C 240 -7.28 33.67 -36.26
N LEU C 241 -5.99 33.88 -36.53
CA LEU C 241 -4.94 33.67 -35.51
C LEU C 241 -5.24 34.53 -34.28
N TYR C 242 -5.65 35.79 -34.51
CA TYR C 242 -5.93 36.68 -33.39
C TYR C 242 -7.19 36.26 -32.68
N VAL C 243 -8.19 35.82 -33.43
CA VAL C 243 -9.40 35.26 -32.82
C VAL C 243 -9.02 34.06 -31.92
N ILE C 244 -8.17 33.16 -32.42
CA ILE C 244 -7.87 31.91 -31.70
C ILE C 244 -7.14 32.18 -30.39
N ILE C 245 -6.12 33.04 -30.42
CA ILE C 245 -5.38 33.36 -29.21
C ILE C 245 -6.18 34.26 -28.28
N ALA C 246 -7.09 35.05 -28.82
CA ALA C 246 -7.98 35.81 -27.97
C ALA C 246 -8.79 34.81 -27.14
N MET C 247 -9.34 33.82 -27.81
CA MET C 247 -10.16 32.84 -27.10
C MET C 247 -9.31 32.02 -26.10
N ALA C 248 -8.09 31.67 -26.49
CA ALA C 248 -7.11 31.05 -25.58
C ALA C 248 -7.02 31.79 -24.25
N LEU C 249 -6.70 33.08 -24.29
CA LEU C 249 -6.44 33.84 -23.04
C LEU C 249 -7.68 34.30 -22.29
N ILE C 250 -8.79 34.46 -23.00
CA ILE C 250 -10.03 34.87 -22.35
C ILE C 250 -10.58 33.71 -21.54
N SER C 251 -10.57 32.51 -22.12
CA SER C 251 -10.83 31.31 -21.33
C SER C 251 -9.71 30.95 -20.33
N GLY C 252 -8.45 31.02 -20.76
CA GLY C 252 -7.34 30.34 -20.05
C GLY C 252 -6.79 30.95 -18.77
N ILE C 253 -6.78 32.27 -18.70
CA ILE C 253 -6.14 32.98 -17.61
C ILE C 253 -6.90 32.76 -16.27
N ILE C 254 -8.21 32.97 -16.29
CA ILE C 254 -9.03 32.65 -15.10
C ILE C 254 -9.16 31.14 -14.97
N GLY C 255 -9.33 30.47 -16.11
CA GLY C 255 -9.10 29.04 -16.33
C GLY C 255 -8.05 28.36 -15.47
N THR C 256 -6.91 29.01 -15.25
CA THR C 256 -5.94 28.45 -14.31
C THR C 256 -6.62 27.88 -13.05
N GLY C 257 -7.76 28.48 -12.71
CA GLY C 257 -8.53 28.11 -11.52
C GLY C 257 -8.97 26.64 -11.45
N HIS C 258 -9.03 25.95 -12.59
CA HIS C 258 -9.39 24.56 -12.58
C HIS C 258 -8.32 23.73 -11.94
N HIS C 259 -7.15 24.35 -11.66
CA HIS C 259 -6.13 23.74 -10.78
C HIS C 259 -6.15 24.24 -9.36
N TYR C 260 -7.14 25.05 -9.00
CA TYR C 260 -7.19 25.71 -7.68
C TYR C 260 -8.37 25.25 -6.80
N PHE C 261 -8.92 24.10 -7.16
CA PHE C 261 -10.06 23.55 -6.46
C PHE C 261 -9.67 22.97 -5.09
N TRP C 262 -8.58 22.20 -5.06
CA TRP C 262 -8.30 21.40 -3.87
C TRP C 262 -6.94 21.68 -3.30
N ILE C 263 -6.26 22.75 -3.69
CA ILE C 263 -4.90 22.98 -3.15
C ILE C 263 -4.85 23.78 -1.84
N GLY C 264 -5.99 24.35 -1.41
CA GLY C 264 -6.05 25.15 -0.21
C GLY C 264 -6.35 26.64 -0.35
N VAL C 265 -6.82 27.03 -1.53
CA VAL C 265 -7.20 28.40 -1.84
C VAL C 265 -8.75 28.54 -1.85
N PRO C 266 -9.26 29.80 -1.79
CA PRO C 266 -10.69 29.96 -1.51
C PRO C 266 -11.61 29.32 -2.53
N GLY C 267 -12.76 28.88 -2.05
CA GLY C 267 -13.73 28.18 -2.87
C GLY C 267 -14.38 28.98 -3.97
N TYR C 268 -14.08 30.28 -4.11
CA TYR C 268 -14.59 30.98 -5.29
C TYR C 268 -13.92 30.44 -6.56
N TRP C 269 -12.76 29.82 -6.38
CA TRP C 269 -12.04 29.27 -7.50
C TRP C 269 -12.79 28.06 -8.05
N LEU C 270 -13.58 27.42 -7.22
CA LEU C 270 -14.45 26.35 -7.72
C LEU C 270 -15.34 26.85 -8.84
N TRP C 271 -15.91 28.04 -8.67
CA TRP C 271 -16.82 28.63 -9.67
C TRP C 271 -16.04 29.17 -10.83
N LEU C 272 -15.08 30.03 -10.53
CA LEU C 272 -14.30 30.71 -11.56
C LEU C 272 -13.59 29.72 -12.47
N GLY C 273 -12.87 28.79 -11.83
CA GLY C 273 -12.17 27.72 -12.52
C GLY C 273 -13.06 26.88 -13.42
N SER C 274 -14.20 26.45 -12.89
CA SER C 274 -15.16 25.65 -13.66
C SER C 274 -15.73 26.40 -14.87
N VAL C 275 -16.18 27.63 -14.66
CA VAL C 275 -16.89 28.38 -15.71
C VAL C 275 -15.98 28.80 -16.87
N PHE C 276 -14.81 29.35 -16.57
CA PHE C 276 -13.89 29.77 -17.65
C PHE C 276 -13.19 28.58 -18.34
N SER C 277 -12.77 27.59 -17.56
CA SER C 277 -12.24 26.32 -18.13
C SER C 277 -13.23 25.63 -19.07
N ALA C 278 -14.52 25.69 -18.74
CA ALA C 278 -15.54 25.12 -19.63
C ALA C 278 -15.45 25.69 -21.05
N LEU C 279 -14.95 26.92 -21.20
CA LEU C 279 -14.75 27.59 -22.49
C LEU C 279 -13.38 27.37 -23.16
N GLU C 280 -12.39 26.89 -22.43
CA GLU C 280 -11.04 26.60 -23.01
C GLU C 280 -10.95 25.59 -24.20
N PRO C 281 -11.99 24.75 -24.39
CA PRO C 281 -12.06 23.99 -25.65
C PRO C 281 -12.19 24.84 -26.91
N LEU C 282 -12.83 26.00 -26.79
CA LEU C 282 -13.17 26.81 -27.97
C LEU C 282 -11.99 27.07 -28.91
N PRO C 283 -10.84 27.57 -28.40
CA PRO C 283 -9.70 27.81 -29.32
C PRO C 283 -9.24 26.55 -30.09
N PHE C 284 -9.21 25.40 -29.42
CA PHE C 284 -8.85 24.17 -30.13
C PHE C 284 -9.95 23.85 -31.14
N PHE C 285 -11.22 24.13 -30.84
CA PHE C 285 -12.25 23.95 -31.86
C PHE C 285 -12.07 24.90 -33.08
N ALA C 286 -11.81 26.16 -32.79
CA ALA C 286 -11.45 27.11 -33.84
C ALA C 286 -10.21 26.68 -34.61
N MET C 287 -9.22 26.08 -33.95
CA MET C 287 -8.07 25.62 -34.74
C MET C 287 -8.45 24.49 -35.72
N VAL C 288 -9.42 23.63 -35.37
CA VAL C 288 -9.89 22.68 -36.37
C VAL C 288 -10.71 23.37 -37.50
N LEU C 289 -11.60 24.33 -37.20
CA LEU C 289 -12.29 25.02 -38.28
C LEU C 289 -11.27 25.76 -39.20
N PHE C 290 -10.32 26.47 -38.58
CA PHE C 290 -9.10 27.04 -39.21
C PHE C 290 -8.35 26.13 -40.19
N ALA C 291 -7.80 25.03 -39.73
CA ALA C 291 -6.99 24.18 -40.60
C ALA C 291 -7.81 23.52 -41.71
N PHE C 292 -9.05 23.13 -41.40
CA PHE C 292 -9.87 22.36 -42.33
C PHE C 292 -10.35 23.27 -43.46
N ASN C 293 -10.85 24.45 -43.07
CA ASN C 293 -11.37 25.42 -44.02
C ASN C 293 -10.32 26.01 -44.93
N THR C 294 -9.15 26.38 -44.41
CA THR C 294 -8.11 26.97 -45.25
C THR C 294 -7.33 25.91 -46.02
N ILE C 295 -7.43 24.64 -45.65
CA ILE C 295 -6.95 23.57 -46.54
C ILE C 295 -7.97 23.21 -47.62
N ASN C 296 -9.25 23.20 -47.26
CA ASN C 296 -10.35 23.08 -48.23
C ASN C 296 -10.28 24.17 -49.36
N ARG C 297 -9.94 25.40 -48.96
CA ARG C 297 -9.89 26.55 -49.85
C ARG C 297 -8.51 26.78 -50.51
N ARG C 298 -7.63 25.76 -50.45
CA ARG C 298 -6.29 25.91 -51.03
C ARG C 298 -6.36 26.40 -52.51
N ARG C 299 -5.82 27.59 -52.75
CA ARG C 299 -5.76 28.16 -54.11
C ARG C 299 -4.85 27.31 -55.02
N ARG C 300 -4.03 26.44 -54.43
CA ARG C 300 -3.10 25.58 -55.17
C ARG C 300 -2.82 24.27 -54.41
N ASP C 301 -2.51 23.20 -55.14
CA ASP C 301 -2.07 21.94 -54.52
C ASP C 301 -0.63 22.07 -54.04
N TYR C 302 -0.19 21.15 -53.18
CA TYR C 302 1.14 21.20 -52.55
C TYR C 302 1.82 19.82 -52.60
N PRO C 303 3.07 19.75 -53.10
CA PRO C 303 3.80 18.48 -53.34
C PRO C 303 3.95 17.54 -52.14
N ASN C 304 4.08 18.13 -50.96
CA ASN C 304 4.15 17.43 -49.68
C ASN C 304 2.75 17.34 -49.06
N ARG C 305 2.10 16.19 -49.21
CA ARG C 305 0.70 16.05 -48.77
C ARG C 305 0.64 15.52 -47.34
N ALA C 306 1.79 15.09 -46.82
CA ALA C 306 1.95 14.74 -45.42
C ALA C 306 1.77 15.95 -44.49
N VAL C 307 2.36 17.11 -44.80
CA VAL C 307 2.22 18.28 -43.91
C VAL C 307 0.76 18.57 -43.70
N ALA C 308 -0.01 18.56 -44.80
CA ALA C 308 -1.44 18.88 -44.73
C ALA C 308 -2.12 17.97 -43.74
N LEU C 309 -1.71 16.69 -43.73
CA LEU C 309 -2.21 15.68 -42.80
C LEU C 309 -1.80 15.97 -41.35
N TRP C 310 -0.52 16.29 -41.15
CA TRP C 310 0.02 16.72 -39.87
C TRP C 310 -0.76 17.90 -39.27
N ALA C 311 -1.02 18.91 -40.09
CA ALA C 311 -1.76 20.07 -39.65
C ALA C 311 -3.23 19.80 -39.34
N MET C 312 -3.89 18.94 -40.12
CA MET C 312 -5.30 18.61 -39.82
C MET C 312 -5.37 17.77 -38.54
N GLY C 313 -4.40 16.87 -38.40
CA GLY C 313 -4.40 15.90 -37.29
C GLY C 313 -4.06 16.51 -35.95
N THR C 314 -3.03 17.35 -35.94
CA THR C 314 -2.71 18.19 -34.78
C THR C 314 -3.94 18.85 -34.20
N THR C 315 -4.73 19.51 -35.05
CA THR C 315 -5.87 20.27 -34.58
C THR C 315 -6.99 19.35 -34.08
N VAL C 316 -7.21 18.20 -34.71
CA VAL C 316 -8.24 17.23 -34.21
C VAL C 316 -7.82 16.62 -32.85
N MET C 317 -6.57 16.14 -32.77
CA MET C 317 -6.01 15.59 -31.55
C MET C 317 -5.86 16.56 -30.38
N ALA C 318 -5.36 17.77 -30.64
CA ALA C 318 -5.34 18.83 -29.64
C ALA C 318 -6.76 19.03 -29.12
N PHE C 319 -7.72 19.10 -30.04
CA PHE C 319 -9.10 19.27 -29.66
C PHE C 319 -9.66 18.07 -28.86
N LEU C 320 -9.33 16.84 -29.28
CA LEU C 320 -9.83 15.66 -28.54
C LEU C 320 -9.18 15.62 -27.19
N GLY C 321 -7.86 15.81 -27.18
CA GLY C 321 -7.06 15.70 -25.95
C GLY C 321 -7.17 16.85 -24.95
N ALA C 322 -7.03 18.06 -25.45
CA ALA C 322 -7.12 19.23 -24.58
C ALA C 322 -8.60 19.58 -24.41
N GLY C 323 -9.34 19.68 -25.51
CA GLY C 323 -10.73 20.16 -25.44
C GLY C 323 -11.71 19.18 -24.79
N VAL C 324 -11.76 17.94 -25.30
CA VAL C 324 -12.81 17.02 -24.91
C VAL C 324 -12.45 16.34 -23.58
N TRP C 325 -11.26 15.77 -23.51
CA TRP C 325 -10.80 15.20 -22.23
C TRP C 325 -10.63 16.32 -21.18
N GLY C 326 -10.05 17.47 -21.54
CA GLY C 326 -9.99 18.59 -20.61
C GLY C 326 -11.35 18.89 -20.01
N PHE C 327 -12.36 19.01 -20.87
CA PHE C 327 -13.69 19.36 -20.41
C PHE C 327 -14.29 18.28 -19.53
N MET C 328 -14.16 17.02 -19.94
CA MET C 328 -14.72 15.90 -19.18
C MET C 328 -14.32 15.94 -17.73
N HIS C 329 -13.14 16.49 -17.39
CA HIS C 329 -12.78 16.59 -15.98
C HIS C 329 -12.54 17.99 -15.38
N THR C 330 -13.05 19.02 -16.04
CA THR C 330 -12.74 20.40 -15.66
C THR C 330 -13.78 21.02 -14.74
N LEU C 331 -14.95 20.37 -14.60
CA LEU C 331 -15.96 20.85 -13.72
C LEU C 331 -15.75 20.35 -12.30
N ALA C 332 -15.75 21.27 -11.33
CA ALA C 332 -15.30 20.92 -10.00
C ALA C 332 -16.04 19.72 -9.41
N PRO C 333 -17.38 19.70 -9.52
CA PRO C 333 -18.09 18.56 -8.95
C PRO C 333 -17.58 17.23 -9.47
N VAL C 334 -17.05 17.21 -10.68
CA VAL C 334 -16.48 15.97 -11.25
C VAL C 334 -15.00 15.78 -10.81
N ASN C 335 -14.21 16.84 -10.98
CA ASN C 335 -12.79 16.85 -10.64
C ASN C 335 -12.60 16.40 -9.21
N TYR C 336 -13.57 16.71 -8.35
CA TYR C 336 -13.53 16.26 -6.95
C TYR C 336 -13.19 14.78 -6.85
N TYR C 337 -13.79 13.98 -7.73
CA TYR C 337 -13.60 12.53 -7.73
C TYR C 337 -12.43 12.05 -8.58
N THR C 338 -12.13 12.79 -9.66
CA THR C 338 -11.14 12.36 -10.64
C THR C 338 -9.76 12.94 -10.42
N HIS C 339 -9.63 13.88 -9.48
CA HIS C 339 -8.35 14.58 -9.22
C HIS C 339 -7.23 13.58 -8.89
N GLY C 340 -6.17 13.56 -9.65
CA GLY C 340 -4.98 12.76 -9.28
C GLY C 340 -5.09 11.25 -9.52
N THR C 341 -5.58 10.95 -10.70
CA THR C 341 -6.16 9.68 -11.04
C THR C 341 -5.64 9.32 -12.45
N GLN C 342 -5.82 8.09 -12.90
CA GLN C 342 -5.40 7.74 -14.23
C GLN C 342 -6.14 8.55 -15.33
N LEU C 343 -7.29 9.11 -15.03
CA LEU C 343 -7.93 10.04 -15.96
C LEU C 343 -7.06 11.23 -16.30
N THR C 344 -6.38 11.78 -15.29
CA THR C 344 -5.45 12.87 -15.45
C THR C 344 -4.34 12.50 -16.39
N ALA C 345 -3.73 11.35 -16.13
CA ALA C 345 -2.67 10.82 -17.01
C ALA C 345 -3.17 10.67 -18.45
N ALA C 346 -4.44 10.29 -18.60
CA ALA C 346 -5.02 10.08 -19.95
C ALA C 346 -5.12 11.37 -20.70
N HIS C 347 -5.86 12.33 -20.12
CA HIS C 347 -5.94 13.67 -20.66
C HIS C 347 -4.52 14.22 -20.93
N GLY C 348 -3.63 14.17 -19.96
CA GLY C 348 -2.31 14.76 -20.18
C GLY C 348 -1.53 14.21 -21.34
N HIS C 349 -1.55 12.87 -21.52
CA HIS C 349 -0.95 12.25 -22.72
C HIS C 349 -1.54 12.75 -24.04
N MET C 350 -2.87 12.75 -24.15
CA MET C 350 -3.48 13.08 -25.43
C MET C 350 -3.27 14.54 -25.75
N ALA C 351 -3.40 15.40 -24.73
CA ALA C 351 -3.26 16.84 -24.90
C ALA C 351 -1.83 17.26 -25.28
N PHE C 352 -0.82 16.75 -24.57
CA PHE C 352 0.58 17.09 -24.92
C PHE C 352 0.97 16.56 -26.29
N TYR C 353 0.49 15.36 -26.64
CA TYR C 353 0.78 14.78 -27.94
C TYR C 353 0.04 15.56 -29.04
N GLY C 354 -1.28 15.74 -28.87
CA GLY C 354 -2.14 16.25 -29.94
C GLY C 354 -1.86 17.71 -30.30
N ALA C 355 -1.56 18.51 -29.27
CA ALA C 355 -1.23 19.89 -29.46
C ALA C 355 0.24 20.06 -29.81
N TYR C 356 1.12 19.57 -28.95
CA TYR C 356 2.49 20.05 -28.97
C TYR C 356 3.48 19.14 -29.71
N ALA C 357 3.53 17.86 -29.41
CA ALA C 357 4.33 16.95 -30.24
C ALA C 357 3.90 17.02 -31.73
N MET C 358 2.60 16.98 -32.00
CA MET C 358 2.12 17.05 -33.37
C MET C 358 2.46 18.37 -34.11
N ILE C 359 2.26 19.54 -33.49
CA ILE C 359 2.70 20.78 -34.15
C ILE C 359 4.22 20.76 -34.42
N VAL C 360 5.05 20.18 -33.55
CA VAL C 360 6.46 20.16 -33.90
C VAL C 360 6.73 19.25 -35.09
N MET C 361 6.18 18.05 -35.08
CA MET C 361 6.29 17.19 -36.29
C MET C 361 5.69 17.81 -37.58
N THR C 362 4.68 18.68 -37.44
CA THR C 362 4.02 19.36 -38.55
C THR C 362 4.97 20.35 -39.23
N ILE C 363 5.68 21.13 -38.43
CA ILE C 363 6.61 22.08 -38.97
C ILE C 363 7.89 21.36 -39.46
N ILE C 364 8.22 20.23 -38.84
CA ILE C 364 9.33 19.42 -39.36
C ILE C 364 8.95 18.91 -40.76
N SER C 365 7.72 18.42 -40.92
CA SER C 365 7.24 17.92 -42.20
C SER C 365 7.30 18.98 -43.30
N TYR C 366 7.05 20.25 -42.99
CA TYR C 366 7.13 21.32 -43.99
C TYR C 366 8.61 21.65 -44.29
N ALA C 367 9.39 21.79 -43.22
CA ALA C 367 10.73 22.34 -43.31
C ALA C 367 11.87 21.36 -43.63
N MET C 368 11.72 20.06 -43.37
CA MET C 368 12.89 19.15 -43.51
C MET C 368 13.44 19.03 -44.94
N PRO C 369 12.59 18.70 -45.91
CA PRO C 369 13.06 18.68 -47.30
C PRO C 369 13.87 19.95 -47.68
N ARG C 370 13.27 21.13 -47.52
CA ARG C 370 13.91 22.38 -47.92
C ARG C 370 14.85 22.96 -46.85
N LEU C 371 15.81 22.14 -46.42
CA LEU C 371 16.71 22.47 -45.33
C LEU C 371 17.90 21.52 -45.51
N ARG C 372 17.57 20.28 -45.88
CA ARG C 372 18.51 19.35 -46.50
C ARG C 372 18.57 19.58 -48.03
N GLY C 373 18.12 20.74 -48.49
CA GLY C 373 18.09 21.05 -49.92
C GLY C 373 17.62 19.92 -50.82
N ILE C 374 16.47 19.31 -50.52
CA ILE C 374 15.84 18.28 -51.37
C ILE C 374 14.64 18.81 -52.18
N GLY C 375 14.00 19.86 -51.69
CA GLY C 375 12.84 20.43 -52.36
C GLY C 375 11.68 20.66 -51.41
N GLU C 376 10.50 20.88 -51.99
CA GLU C 376 9.26 21.11 -51.24
C GLU C 376 8.79 19.83 -50.50
N ALA C 377 9.05 18.68 -51.12
CA ALA C 377 8.60 17.36 -50.69
C ALA C 377 9.68 16.29 -50.94
N MET C 378 9.46 15.09 -50.41
CA MET C 378 10.40 13.98 -50.55
C MET C 378 9.80 13.03 -51.58
N ASP C 379 10.54 12.00 -51.97
CA ASP C 379 10.02 11.01 -52.93
C ASP C 379 8.80 10.31 -52.34
N ASN C 380 8.09 9.54 -53.16
CA ASN C 380 6.80 8.99 -52.73
C ASN C 380 6.88 7.81 -51.78
N ARG C 381 8.03 7.12 -51.73
CA ARG C 381 8.25 6.10 -50.68
C ARG C 381 8.35 6.76 -49.30
N SER C 382 9.20 7.79 -49.21
CA SER C 382 9.38 8.54 -47.97
C SER C 382 8.04 9.10 -47.43
N GLN C 383 7.20 9.62 -48.33
CA GLN C 383 5.91 10.21 -47.94
C GLN C 383 4.86 9.20 -47.44
N VAL C 384 4.89 7.96 -47.92
CA VAL C 384 3.94 6.95 -47.42
C VAL C 384 4.33 6.47 -45.99
N LEU C 385 5.63 6.34 -45.73
CA LEU C 385 6.15 6.09 -44.38
C LEU C 385 5.75 7.18 -43.37
N GLU C 386 6.11 8.44 -43.63
CA GLU C 386 5.69 9.56 -42.76
C GLU C 386 4.22 9.40 -42.37
N MET C 387 3.36 9.18 -43.37
CA MET C 387 1.93 9.01 -43.09
C MET C 387 1.64 7.75 -42.24
N TRP C 388 2.38 6.67 -42.45
CA TRP C 388 2.24 5.46 -41.63
C TRP C 388 2.62 5.74 -40.19
N GLY C 389 3.77 6.38 -40.01
CA GLY C 389 4.24 6.82 -38.71
C GLY C 389 3.28 7.79 -38.04
N PHE C 390 2.65 8.66 -38.82
CA PHE C 390 1.56 9.51 -38.32
C PHE C 390 0.34 8.74 -37.75
N TRP C 391 -0.18 7.78 -38.53
CA TRP C 391 -1.36 7.04 -38.12
C TRP C 391 -1.05 6.10 -36.97
N LEU C 392 0.13 5.50 -37.01
CA LEU C 392 0.57 4.56 -35.98
C LEU C 392 0.76 5.26 -34.64
N MET C 393 1.53 6.33 -34.63
CA MET C 393 1.64 7.18 -33.42
C MET C 393 0.31 7.70 -32.97
N THR C 394 -0.44 8.29 -33.88
CA THR C 394 -1.66 8.93 -33.47
C THR C 394 -2.74 7.96 -32.97
N VAL C 395 -2.94 6.86 -33.72
CA VAL C 395 -3.91 5.85 -33.33
C VAL C 395 -3.47 5.22 -32.01
N ALA C 396 -2.16 4.94 -31.86
CA ALA C 396 -1.65 4.34 -30.62
C ALA C 396 -2.00 5.26 -29.42
N MET C 397 -1.73 6.54 -29.58
CA MET C 397 -2.04 7.49 -28.56
C MET C 397 -3.53 7.50 -28.25
N VAL C 398 -4.44 7.44 -29.22
CA VAL C 398 -5.86 7.40 -28.80
C VAL C 398 -6.12 6.16 -27.93
N PHE C 399 -5.46 5.04 -28.26
CA PHE C 399 -5.63 3.83 -27.47
C PHE C 399 -4.98 3.96 -26.11
N ILE C 400 -3.78 4.56 -26.05
CA ILE C 400 -3.17 4.89 -24.75
C ILE C 400 -4.19 5.66 -23.90
N THR C 401 -4.87 6.62 -24.50
CA THR C 401 -5.75 7.44 -23.69
C THR C 401 -7.07 6.76 -23.36
N LEU C 402 -7.57 5.88 -24.23
CA LEU C 402 -8.78 5.08 -23.90
C LEU C 402 -8.54 4.06 -22.78
N PHE C 403 -7.38 3.40 -22.81
CA PHE C 403 -7.06 2.39 -21.81
C PHE C 403 -6.85 2.98 -20.42
N LEU C 404 -6.17 4.13 -20.38
CA LEU C 404 -5.99 4.92 -19.15
C LEU C 404 -7.32 5.57 -18.67
N SER C 405 -8.16 5.96 -19.61
CA SER C 405 -9.46 6.48 -19.23
C SER C 405 -10.32 5.38 -18.59
N ALA C 406 -10.24 4.16 -19.11
CA ALA C 406 -10.97 3.04 -18.50
C ALA C 406 -10.42 2.71 -17.10
N ALA C 407 -9.09 2.65 -16.96
CA ALA C 407 -8.41 2.57 -15.66
C ALA C 407 -8.88 3.66 -14.69
N GLY C 408 -8.94 4.88 -15.18
CA GLY C 408 -9.35 6.02 -14.36
C GLY C 408 -10.79 5.94 -13.90
N VAL C 409 -11.67 5.56 -14.81
CA VAL C 409 -13.07 5.28 -14.40
C VAL C 409 -13.13 4.17 -13.34
N LEU C 410 -12.47 3.03 -13.52
CA LEU C 410 -12.51 1.96 -12.50
C LEU C 410 -11.87 2.49 -11.18
N GLN C 411 -10.75 3.22 -11.29
CA GLN C 411 -10.13 3.78 -10.10
C GLN C 411 -11.13 4.64 -9.33
N VAL C 412 -11.85 5.50 -10.02
CA VAL C 412 -12.79 6.38 -9.35
C VAL C 412 -13.91 5.61 -8.65
N TRP C 413 -14.41 4.61 -9.35
CA TRP C 413 -15.47 3.74 -8.82
C TRP C 413 -15.01 2.97 -7.62
N LEU C 414 -13.83 2.36 -7.69
CA LEU C 414 -13.38 1.49 -6.60
C LEU C 414 -12.90 2.26 -5.41
N GLN C 415 -12.21 3.36 -5.68
CA GLN C 415 -11.40 4.06 -4.66
C GLN C 415 -12.04 5.36 -4.20
N ARG C 416 -12.62 6.11 -5.09
CA ARG C 416 -13.01 7.49 -4.78
C ARG C 416 -14.48 7.65 -4.35
N MET C 417 -15.39 6.93 -4.99
CA MET C 417 -16.85 6.98 -4.67
C MET C 417 -17.36 6.35 -3.38
N PRO C 418 -16.94 5.14 -3.04
CA PRO C 418 -17.56 4.59 -1.84
C PRO C 418 -17.10 5.28 -0.56
N ALA C 419 -17.83 5.09 0.52
CA ALA C 419 -17.42 5.64 1.82
C ALA C 419 -16.26 4.83 2.43
N ASP C 420 -15.77 5.35 3.56
CA ASP C 420 -14.75 4.71 4.33
C ASP C 420 -15.25 3.30 4.70
N GLY C 421 -14.37 2.30 4.53
CA GLY C 421 -14.68 0.86 4.78
C GLY C 421 -15.03 0.16 3.46
N ALA C 422 -15.88 0.81 2.65
CA ALA C 422 -16.31 0.29 1.38
C ALA C 422 -15.28 0.61 0.29
N ALA C 423 -14.66 1.78 0.38
CA ALA C 423 -13.67 2.17 -0.63
C ALA C 423 -12.44 1.21 -0.57
N MET C 424 -11.93 0.83 -1.74
CA MET C 424 -10.76 0.00 -1.90
C MET C 424 -9.44 0.82 -1.75
N THR C 425 -8.38 0.23 -1.20
CA THR C 425 -7.17 0.98 -0.89
C THR C 425 -6.48 1.29 -2.22
N PHE C 426 -5.55 2.25 -2.21
CA PHE C 426 -4.82 2.57 -3.41
C PHE C 426 -4.16 1.36 -4.04
N MET C 427 -3.42 0.65 -3.23
CA MET C 427 -2.67 -0.45 -3.80
C MET C 427 -3.56 -1.54 -4.38
N ALA C 428 -4.68 -1.80 -3.71
CA ALA C 428 -5.56 -2.87 -4.16
C ALA C 428 -6.26 -2.43 -5.40
N THR C 429 -6.61 -1.13 -5.48
CA THR C 429 -7.34 -0.74 -6.69
C THR C 429 -6.40 -0.80 -7.91
N GLN C 430 -5.12 -0.54 -7.70
CA GLN C 430 -4.16 -0.67 -8.81
C GLN C 430 -4.00 -2.10 -9.38
N ASP C 431 -4.02 -3.12 -8.51
CA ASP C 431 -4.05 -4.47 -8.97
C ASP C 431 -5.29 -4.69 -9.85
N GLN C 432 -6.43 -4.07 -9.49
CA GLN C 432 -7.65 -4.22 -10.29
C GLN C 432 -7.53 -3.57 -11.67
N LEU C 433 -6.62 -2.62 -11.80
CA LEU C 433 -6.46 -1.90 -13.05
C LEU C 433 -5.47 -2.57 -14.00
N ALA C 434 -4.85 -3.66 -13.56
CA ALA C 434 -3.70 -4.26 -14.24
C ALA C 434 -3.83 -4.44 -15.76
N ILE C 435 -4.96 -4.99 -16.18
CA ILE C 435 -5.19 -5.28 -17.58
C ILE C 435 -5.07 -4.01 -18.39
N PHE C 436 -5.67 -2.95 -17.88
CA PHE C 436 -5.67 -1.68 -18.61
C PHE C 436 -4.26 -1.18 -18.76
N TYR C 437 -3.43 -1.42 -17.75
CA TYR C 437 -2.02 -1.02 -17.83
C TYR C 437 -1.23 -1.92 -18.78
N TRP C 438 -1.45 -3.25 -18.80
CA TRP C 438 -0.82 -4.09 -19.86
C TRP C 438 -1.18 -3.59 -21.26
N LEU C 439 -2.44 -3.24 -21.45
CA LEU C 439 -2.94 -2.82 -22.76
C LEU C 439 -2.35 -1.50 -23.18
N ARG C 440 -2.24 -0.55 -22.24
CA ARG C 440 -1.54 0.67 -22.49
C ARG C 440 -0.09 0.38 -22.91
N GLU C 441 0.58 -0.48 -22.16
CA GLU C 441 1.96 -0.79 -22.50
C GLU C 441 2.08 -1.37 -23.92
N GLY C 442 1.16 -2.27 -24.29
CA GLY C 442 1.03 -2.66 -25.70
C GLY C 442 0.87 -1.45 -26.65
N ALA C 443 -0.09 -0.56 -26.34
CA ALA C 443 -0.26 0.63 -27.21
C ALA C 443 1.03 1.41 -27.30
N GLY C 444 1.78 1.46 -26.21
CA GLY C 444 3.02 2.20 -26.17
C GLY C 444 4.04 1.61 -27.12
N VAL C 445 4.00 0.29 -27.30
CA VAL C 445 4.88 -0.39 -28.24
C VAL C 445 4.50 0.04 -29.67
N VAL C 446 3.19 0.04 -29.98
CA VAL C 446 2.74 0.40 -31.35
C VAL C 446 3.17 1.82 -31.66
N PHE C 447 3.20 2.65 -30.62
CA PHE C 447 3.59 4.05 -30.77
C PHE C 447 5.08 4.18 -31.12
N LEU C 448 5.92 3.40 -30.47
CA LEU C 448 7.35 3.42 -30.77
C LEU C 448 7.54 2.98 -32.23
N ILE C 449 6.87 1.91 -32.62
CA ILE C 449 6.95 1.41 -33.98
C ILE C 449 6.53 2.54 -34.96
N GLY C 450 5.55 3.33 -34.55
CA GLY C 450 5.19 4.54 -35.27
C GLY C 450 6.32 5.56 -35.32
N LEU C 451 6.94 5.86 -34.18
CA LEU C 451 8.02 6.86 -34.15
C LEU C 451 9.21 6.43 -35.02
N VAL C 452 9.48 5.11 -35.02
CA VAL C 452 10.57 4.53 -35.81
C VAL C 452 10.23 4.65 -37.32
N ALA C 453 9.01 4.24 -37.68
CA ALA C 453 8.48 4.41 -39.03
C ALA C 453 8.54 5.88 -39.47
N TYR C 454 8.12 6.79 -38.60
CA TYR C 454 8.26 8.23 -38.88
C TYR C 454 9.73 8.58 -39.08
N LEU C 455 10.59 8.21 -38.16
CA LEU C 455 12.03 8.45 -38.31
C LEU C 455 12.67 7.84 -39.59
N LEU C 456 12.17 6.70 -40.06
CA LEU C 456 12.68 6.12 -41.32
C LEU C 456 12.20 6.87 -42.60
N SER C 457 11.44 7.96 -42.42
CA SER C 457 11.08 8.84 -43.53
C SER C 457 12.24 9.71 -44.00
N PHE C 458 13.25 9.89 -43.15
CA PHE C 458 14.35 10.81 -43.46
C PHE C 458 15.58 10.07 -44.01
N PHE D 5 -16.22 42.07 -40.29
CA PHE D 5 -15.28 41.56 -39.25
C PHE D 5 -13.85 41.54 -39.77
N THR D 6 -12.98 42.35 -39.17
CA THR D 6 -11.62 42.53 -39.67
C THR D 6 -10.54 41.99 -38.71
N LYS D 7 -9.32 41.91 -39.25
CA LYS D 7 -8.11 41.59 -38.51
C LYS D 7 -7.87 42.50 -37.32
N GLY D 8 -7.90 43.81 -37.58
CA GLY D 8 -7.71 44.83 -36.56
C GLY D 8 -8.68 44.67 -35.42
N MET D 9 -9.95 44.42 -35.75
CA MET D 9 -10.96 44.13 -34.73
C MET D 9 -10.53 42.94 -33.85
N ALA D 10 -10.07 41.87 -34.49
CA ALA D 10 -9.74 40.66 -33.78
C ALA D 10 -8.54 40.94 -32.88
N ARG D 11 -7.53 41.62 -33.43
CA ARG D 11 -6.35 41.98 -32.63
C ARG D 11 -6.69 42.84 -31.38
N ASN D 12 -7.71 43.68 -31.43
CA ASN D 12 -8.08 44.51 -30.27
C ASN D 12 -8.91 43.73 -29.23
N ILE D 13 -9.73 42.79 -29.69
CA ILE D 13 -10.37 41.83 -28.80
C ILE D 13 -9.32 41.04 -28.02
N TYR D 14 -8.35 40.46 -28.73
CA TYR D 14 -7.13 39.90 -28.12
C TYR D 14 -6.41 40.85 -27.17
N PHE D 15 -6.15 42.08 -27.58
CA PHE D 15 -5.45 43.01 -26.68
C PHE D 15 -6.25 43.31 -25.40
N GLY D 16 -7.53 43.64 -25.55
CA GLY D 16 -8.36 44.08 -24.43
C GLY D 16 -8.73 42.93 -23.53
N GLY D 17 -9.11 41.82 -24.15
CA GLY D 17 -9.31 40.57 -23.41
C GLY D 17 -8.12 40.21 -22.53
N SER D 18 -6.92 40.22 -23.11
CA SER D 18 -5.77 39.77 -22.32
C SER D 18 -5.40 40.71 -21.19
N VAL D 19 -5.50 42.01 -21.38
CA VAL D 19 -5.12 42.95 -20.32
C VAL D 19 -6.12 42.82 -19.17
N PHE D 20 -7.41 42.87 -19.52
CA PHE D 20 -8.49 42.83 -18.53
C PHE D 20 -8.43 41.56 -17.68
N PHE D 21 -8.31 40.41 -18.33
CA PHE D 21 -8.26 39.16 -17.56
C PHE D 21 -6.94 39.01 -16.79
N ILE D 22 -5.82 39.50 -17.35
CA ILE D 22 -4.55 39.55 -16.60
C ILE D 22 -4.76 40.33 -15.29
N LEU D 23 -5.38 41.51 -15.38
CA LEU D 23 -5.66 42.35 -14.18
C LEU D 23 -6.71 41.72 -13.23
N LEU D 24 -7.78 41.14 -13.79
CA LEU D 24 -8.72 40.39 -12.97
C LEU D 24 -7.92 39.32 -12.20
N PHE D 25 -7.09 38.56 -12.93
CA PHE D 25 -6.32 37.46 -12.32
C PHE D 25 -5.40 37.93 -11.19
N LEU D 26 -4.67 39.03 -11.39
CA LEU D 26 -3.77 39.54 -10.37
C LEU D 26 -4.54 39.98 -9.11
N ALA D 27 -5.67 40.64 -9.32
CA ALA D 27 -6.54 41.07 -8.22
C ALA D 27 -7.04 39.85 -7.44
N LEU D 28 -7.51 38.81 -8.13
CA LEU D 28 -7.91 37.56 -7.43
C LEU D 28 -6.72 36.95 -6.66
N THR D 29 -5.53 36.99 -7.24
CA THR D 29 -4.40 36.38 -6.55
C THR D 29 -3.94 37.21 -5.35
N TYR D 30 -4.08 38.53 -5.41
CA TYR D 30 -3.94 39.37 -4.19
C TYR D 30 -4.90 38.93 -3.06
N HIS D 31 -6.21 38.90 -3.33
CA HIS D 31 -7.24 38.39 -2.39
C HIS D 31 -6.89 37.01 -1.87
N THR D 32 -6.83 36.03 -2.75
CA THR D 32 -6.48 34.67 -2.38
C THR D 32 -5.29 34.62 -1.43
N GLU D 33 -4.25 35.38 -1.74
CA GLU D 33 -3.05 35.34 -0.95
C GLU D 33 -3.28 35.95 0.46
N LYS D 34 -4.33 36.74 0.63
CA LYS D 34 -4.65 37.26 1.96
C LYS D 34 -5.27 36.17 2.83
N THR D 35 -5.99 35.22 2.22
CA THR D 35 -6.75 34.19 2.97
C THR D 35 -5.86 33.05 3.47
N LEU D 36 -4.66 32.94 2.90
CA LEU D 36 -3.82 31.74 3.09
C LEU D 36 -3.33 31.49 4.54
N PRO D 37 -2.93 32.54 5.27
CA PRO D 37 -2.68 32.41 6.70
C PRO D 37 -3.71 31.55 7.45
N GLU D 38 -5.01 31.84 7.31
CA GLU D 38 -6.03 31.02 7.98
C GLU D 38 -6.31 29.64 7.32
N ARG D 39 -6.40 29.63 6.00
CA ARG D 39 -6.76 28.41 5.23
C ARG D 39 -5.74 27.30 5.51
N THR D 40 -4.47 27.65 5.42
CA THR D 40 -3.41 26.69 5.57
C THR D 40 -2.99 26.52 7.01
N ASN D 41 -3.55 27.36 7.88
CA ASN D 41 -3.10 27.48 9.26
C ASN D 41 -1.59 27.78 9.36
N GLU D 42 -1.12 28.84 8.70
CA GLU D 42 0.31 29.24 8.82
C GLU D 42 0.80 29.39 10.25
N ALA D 43 -0.09 29.69 11.20
CA ALA D 43 0.27 29.68 12.62
C ALA D 43 1.07 28.41 12.99
N ALA D 44 0.62 27.26 12.50
CA ALA D 44 1.28 25.96 12.77
C ALA D 44 2.47 25.62 11.82
N MET D 45 2.69 26.42 10.78
CA MET D 45 3.74 26.12 9.83
C MET D 45 5.15 26.30 10.41
N SER D 46 5.51 25.33 11.27
CA SER D 46 6.73 25.35 12.05
C SER D 46 8.01 25.17 11.23
N ALA D 47 9.16 25.38 11.87
CA ALA D 47 10.45 25.19 11.22
C ALA D 47 10.58 23.72 10.87
N ALA D 48 9.95 22.88 11.68
CA ALA D 48 9.92 21.45 11.42
C ALA D 48 9.12 21.13 10.16
N VAL D 49 7.92 21.71 9.97
CA VAL D 49 7.18 21.42 8.74
C VAL D 49 7.91 21.94 7.51
N VAL D 50 8.57 23.08 7.65
CA VAL D 50 9.30 23.71 6.56
C VAL D 50 10.57 22.94 6.24
N ARG D 51 11.18 22.30 7.24
CA ARG D 51 12.30 21.40 6.97
C ARG D 51 11.80 20.11 6.30
N GLY D 52 10.59 19.67 6.66
CA GLY D 52 9.98 18.48 6.05
C GLY D 52 9.68 18.65 4.57
N LYS D 53 9.21 19.84 4.23
CA LYS D 53 9.00 20.21 2.84
C LYS D 53 10.30 20.05 2.05
N LEU D 54 11.42 20.46 2.64
CA LEU D 54 12.72 20.27 2.00
C LEU D 54 13.10 18.80 1.77
N VAL D 55 12.88 17.94 2.76
CA VAL D 55 13.15 16.48 2.57
C VAL D 55 12.14 15.84 1.59
N TRP D 56 10.90 16.30 1.58
CA TRP D 56 9.95 15.92 0.52
C TRP D 56 10.51 16.22 -0.88
N GLU D 57 11.06 17.43 -1.05
CA GLU D 57 11.68 17.84 -2.31
C GLU D 57 12.99 17.14 -2.62
N GLN D 58 13.87 17.07 -1.64
CA GLN D 58 15.20 16.50 -1.87
C GLN D 58 15.17 15.05 -2.31
N ASN D 59 14.15 14.29 -1.89
CA ASN D 59 14.01 12.86 -2.26
C ASN D 59 12.92 12.55 -3.29
N ASN D 60 12.36 13.61 -3.88
CA ASN D 60 11.37 13.53 -4.92
C ASN D 60 10.17 12.60 -4.64
N CYS D 61 9.58 12.70 -3.45
CA CYS D 61 8.46 11.82 -3.08
C CYS D 61 7.36 11.96 -4.11
N VAL D 62 7.25 13.18 -4.66
CA VAL D 62 6.20 13.54 -5.59
C VAL D 62 6.36 12.89 -6.94
N GLY D 63 7.54 12.33 -7.19
CA GLY D 63 7.81 11.51 -8.43
C GLY D 63 7.15 10.12 -8.43
N CYS D 64 6.61 9.72 -7.27
CA CYS D 64 5.82 8.51 -7.14
C CYS D 64 4.45 8.76 -6.49
N HIS D 65 4.33 9.75 -5.62
CA HIS D 65 3.10 9.99 -4.86
C HIS D 65 2.37 11.26 -5.28
N THR D 66 1.09 11.37 -4.96
CA THR D 66 0.34 12.63 -5.05
C THR D 66 0.33 13.26 -3.65
N LEU D 67 0.29 14.60 -3.62
CA LEU D 67 0.09 15.40 -2.39
C LEU D 67 -0.97 16.45 -2.73
N LEU D 68 -2.08 16.40 -2.01
CA LEU D 68 -3.29 17.15 -2.37
C LEU D 68 -3.67 16.84 -3.80
N GLY D 69 -3.45 15.59 -4.19
CA GLY D 69 -3.88 15.08 -5.46
C GLY D 69 -3.04 15.48 -6.64
N GLU D 70 -1.86 16.04 -6.40
CA GLU D 70 -0.97 16.45 -7.48
C GLU D 70 0.33 15.69 -7.34
N GLY D 71 0.90 15.30 -8.46
CA GLY D 71 2.22 14.63 -8.45
C GLY D 71 2.14 13.40 -9.36
N ALA D 72 2.69 12.29 -8.92
CA ALA D 72 2.67 11.06 -9.71
C ALA D 72 1.62 10.07 -9.24
N TYR D 73 1.29 9.10 -10.08
CA TYR D 73 0.13 8.19 -9.78
C TYR D 73 0.53 6.74 -9.53
N PHE D 74 1.80 6.52 -9.15
CA PHE D 74 2.37 5.20 -8.92
C PHE D 74 2.08 4.71 -7.50
N ALA D 75 1.99 5.69 -6.59
CA ALA D 75 1.90 5.41 -5.18
C ALA D 75 0.82 6.24 -4.56
N PRO D 76 0.52 6.04 -3.26
CA PRO D 76 -0.68 6.64 -2.71
C PRO D 76 -0.61 8.12 -2.40
N GLU D 77 -1.78 8.69 -2.19
CA GLU D 77 -1.98 10.04 -1.75
C GLU D 77 -1.49 10.19 -0.33
N LEU D 78 -0.57 11.12 -0.10
CA LEU D 78 0.07 11.26 1.21
C LEU D 78 -0.46 12.44 1.99
N GLY D 79 -1.31 13.25 1.36
CA GLY D 79 -1.99 14.34 2.03
C GLY D 79 -2.82 13.92 3.23
N ASN D 80 -3.34 12.72 3.21
CA ASN D 80 -4.26 12.30 4.26
C ASN D 80 -3.84 10.97 4.85
N VAL D 81 -2.60 10.57 4.60
CA VAL D 81 -2.09 9.26 5.04
C VAL D 81 -2.06 9.17 6.57
N VAL D 82 -1.85 10.33 7.18
CA VAL D 82 -1.77 10.50 8.61
C VAL D 82 -3.01 9.95 9.29
N GLY D 83 -4.13 9.92 8.57
CA GLY D 83 -5.39 9.45 9.09
C GLY D 83 -5.62 7.96 8.90
N ARG D 84 -4.78 7.31 8.09
CA ARG D 84 -4.81 5.87 7.84
C ARG D 84 -3.69 5.18 8.59
N ARG D 85 -2.82 5.92 9.28
CA ARG D 85 -1.67 5.28 9.95
C ARG D 85 -1.49 5.67 11.45
N GLY D 86 -2.57 5.53 12.24
CA GLY D 86 -2.58 5.84 13.69
C GLY D 86 -2.56 7.31 14.08
N GLY D 87 -3.12 8.16 13.23
CA GLY D 87 -3.47 9.52 13.58
C GLY D 87 -2.39 10.46 14.07
N GLU D 88 -2.82 11.61 14.59
CA GLU D 88 -1.96 12.51 15.38
C GLU D 88 -0.95 11.76 16.27
N GLU D 89 -1.48 11.07 17.29
CA GLU D 89 -0.68 10.44 18.35
C GLU D 89 0.53 9.67 17.79
N GLY D 90 0.28 8.63 17.00
CA GLY D 90 1.31 7.65 16.66
C GLY D 90 1.93 7.72 15.28
N PHE D 91 1.63 8.77 14.49
CA PHE D 91 2.03 8.79 13.07
C PHE D 91 3.54 8.99 12.88
N ASN D 92 4.11 9.92 13.63
CA ASN D 92 5.55 10.09 13.57
C ASN D 92 6.31 8.78 13.79
N THR D 93 5.92 8.07 14.84
CA THR D 93 6.48 6.78 15.16
C THR D 93 6.28 5.77 14.04
N PHE D 94 5.11 5.76 13.41
CA PHE D 94 4.88 4.91 12.22
C PHE D 94 5.84 5.20 11.07
N LEU D 95 6.03 6.49 10.85
CA LEU D 95 6.78 6.94 9.70
C LEU D 95 8.24 6.53 9.83
N GLN D 96 8.78 6.60 11.04
CA GLN D 96 10.16 6.18 11.30
C GLN D 96 10.28 4.74 10.91
N ALA D 97 9.34 3.90 11.34
CA ALA D 97 9.46 2.51 10.97
C ALA D 97 9.36 2.43 9.43
N TRP D 98 8.35 3.11 8.87
CA TRP D 98 8.03 2.97 7.44
C TRP D 98 9.24 3.30 6.55
N MET D 99 10.00 4.31 6.94
CA MET D 99 11.13 4.72 6.11
C MET D 99 12.32 3.78 6.23
N LYS D 100 12.49 3.16 7.42
CA LYS D 100 13.58 2.21 7.67
C LYS D 100 13.41 0.89 6.95
N ILE D 101 12.16 0.43 6.77
CA ILE D 101 11.90 -0.93 6.32
C ILE D 101 11.93 -1.13 4.79
N GLN D 102 11.97 0.00 4.08
CA GLN D 102 11.95 -0.01 2.62
C GLN D 102 13.29 -0.49 2.15
N PRO D 103 13.30 -1.18 1.02
CA PRO D 103 12.12 -1.58 0.23
C PRO D 103 11.53 -2.88 0.82
N LEU D 104 10.23 -3.07 0.67
CA LEU D 104 9.60 -4.23 1.28
C LEU D 104 9.93 -5.55 0.58
N ASN D 105 10.43 -5.47 -0.65
CA ASN D 105 10.87 -6.64 -1.41
C ASN D 105 9.81 -7.67 -1.68
N VAL D 106 8.57 -7.25 -1.87
CA VAL D 106 7.60 -8.23 -2.22
C VAL D 106 7.61 -8.45 -3.74
N PRO D 107 7.83 -9.69 -4.17
CA PRO D 107 8.00 -9.94 -5.61
C PRO D 107 6.87 -9.42 -6.46
N GLY D 108 7.24 -8.69 -7.50
CA GLY D 108 6.28 -8.12 -8.43
C GLY D 108 5.59 -6.85 -7.93
N ARG D 109 5.82 -6.45 -6.68
CA ARG D 109 5.12 -5.30 -6.14
C ARG D 109 5.81 -3.95 -6.37
N ARG D 110 5.01 -2.92 -6.53
CA ARG D 110 5.55 -1.58 -6.62
C ARG D 110 6.40 -1.32 -5.41
N ALA D 111 7.61 -0.85 -5.68
CA ALA D 111 8.68 -0.73 -4.68
C ALA D 111 9.01 0.75 -4.39
N MET D 112 9.21 1.06 -3.12
CA MET D 112 9.64 2.37 -2.64
C MET D 112 11.09 2.32 -2.20
N PRO D 113 11.87 3.38 -2.42
CA PRO D 113 13.30 3.31 -2.11
C PRO D 113 13.66 3.48 -0.64
N GLN D 114 14.91 3.11 -0.30
CA GLN D 114 15.46 3.38 1.02
C GLN D 114 16.20 4.69 0.91
N PHE D 115 15.76 5.69 1.66
CA PHE D 115 16.40 7.01 1.54
C PHE D 115 17.45 7.28 2.62
N HIS D 116 17.65 6.34 3.54
CA HIS D 116 18.69 6.50 4.54
C HIS D 116 18.58 7.88 5.20
N LEU D 117 17.37 8.23 5.59
CA LEU D 117 17.05 9.47 6.27
C LEU D 117 17.36 9.42 7.77
N SER D 118 17.87 10.51 8.31
CA SER D 118 18.06 10.56 9.76
C SER D 118 16.68 10.66 10.41
N GLU D 119 16.70 10.48 11.72
CA GLU D 119 15.52 10.51 12.54
C GLU D 119 14.93 11.90 12.62
N GLY D 120 15.78 12.92 12.58
CA GLY D 120 15.29 14.30 12.58
C GLY D 120 14.55 14.62 11.30
N GLN D 121 15.22 14.26 10.19
CA GLN D 121 14.67 14.36 8.83
C GLN D 121 13.30 13.69 8.72
N VAL D 122 13.11 12.52 9.32
CA VAL D 122 11.88 11.81 9.14
C VAL D 122 10.78 12.42 9.99
N ASP D 123 11.21 12.91 11.14
CA ASP D 123 10.31 13.61 12.05
C ASP D 123 9.82 14.91 11.42
N ASP D 124 10.72 15.64 10.80
CA ASP D 124 10.33 16.83 10.06
C ASP D 124 9.32 16.49 8.95
N LEU D 125 9.55 15.35 8.26
CA LEU D 125 8.63 14.84 7.25
C LEU D 125 7.28 14.63 7.85
N ALA D 126 7.24 13.97 8.99
CA ALA D 126 5.97 13.63 9.62
C ALA D 126 5.15 14.89 9.97
N GLU D 127 5.83 15.92 10.47
CA GLU D 127 5.18 17.23 10.77
C GLU D 127 4.60 17.90 9.55
N PHE D 128 5.41 17.91 8.49
CA PHE D 128 5.01 18.46 7.19
C PHE D 128 3.75 17.77 6.69
N LEU D 129 3.69 16.44 6.82
CA LEU D 129 2.53 15.71 6.30
C LEU D 129 1.32 15.87 7.18
N LYS D 130 1.53 15.80 8.49
CA LYS D 130 0.48 16.13 9.46
C LYS D 130 -0.11 17.48 9.14
N TRP D 131 0.76 18.47 9.02
CA TRP D 131 0.30 19.84 8.82
C TRP D 131 -0.44 19.96 7.49
N SER D 132 0.09 19.28 6.47
CA SER D 132 -0.50 19.29 5.14
C SER D 132 -1.91 18.75 5.17
N SER D 133 -2.15 17.77 6.04
CA SER D 133 -3.45 17.10 6.12
C SER D 133 -4.51 18.02 6.65
N LYS D 134 -4.08 19.09 7.30
CA LYS D 134 -4.99 19.98 7.96
C LYS D 134 -5.28 21.23 7.14
N ILE D 135 -4.68 21.37 5.97
CA ILE D 135 -5.00 22.49 5.10
C ILE D 135 -6.46 22.39 4.68
N ASP D 136 -7.15 23.52 4.65
CA ASP D 136 -8.54 23.58 4.20
C ASP D 136 -8.58 23.52 2.67
N THR D 137 -9.04 22.38 2.19
CA THR D 137 -8.78 21.95 0.86
C THR D 137 -10.14 21.77 0.17
N ASN D 138 -11.14 22.41 0.76
CA ASN D 138 -12.55 22.24 0.39
C ASN D 138 -13.05 20.78 0.43
N GLN D 139 -12.64 20.07 1.49
CA GLN D 139 -13.06 18.69 1.80
C GLN D 139 -12.47 17.62 0.87
N TRP D 140 -11.43 17.97 0.10
CA TRP D 140 -10.69 16.96 -0.71
C TRP D 140 -9.66 16.21 0.20
N PRO D 141 -9.51 14.90 0.02
CA PRO D 141 -10.12 13.93 -0.88
C PRO D 141 -11.48 13.47 -0.37
N PRO D 142 -12.24 12.76 -1.22
CA PRO D 142 -13.57 12.22 -0.91
C PRO D 142 -13.64 11.30 0.32
N ASN D 143 -12.59 10.51 0.55
CA ASN D 143 -12.53 9.57 1.66
C ASN D 143 -11.08 9.31 2.15
N LYS D 144 -10.94 8.48 3.17
CA LYS D 144 -9.66 8.23 3.83
C LYS D 144 -8.62 7.52 2.94
N GLU D 145 -9.02 6.96 1.79
CA GLU D 145 -8.05 6.30 0.90
C GLU D 145 -7.26 7.29 0.01
N GLY D 146 -7.64 8.56 -0.01
CA GLY D 146 -7.01 9.55 -0.89
C GLY D 146 -7.30 9.31 -2.35
#